data_5RMF
#
_entry.id   5RMF
#
_cell.length_a   59.190
_cell.length_b   70.107
_cell.length_c   85.386
_cell.angle_alpha   102.600
_cell.angle_beta   96.010
_cell.angle_gamma   112.560
#
_symmetry.space_group_name_H-M   'P 1'
#
loop_
_entity.id
_entity.type
_entity.pdbx_description
1 polymer Helicase
2 non-polymer (2,6-difluorophenyl)(pyrrolidin-1-yl)methanone
3 non-polymer 'ZINC ION'
4 non-polymer 'PHOSPHATE ION'
5 water water
#
_entity_poly.entity_id   1
_entity_poly.type   'polypeptide(L)'
_entity_poly.pdbx_seq_one_letter_code
;AVGACVLCNSQTSLRCGACIRRPFLCCKCCYDHVISTSHKLVLSVNPYVCNAPGCDVTDVTQLYLGGMSYYCKSHKPPIS
FPLCANGQVFGLYKNTCVGSDNVTDFNAIATCDWTNAGDYILANTCTERLKLFAAETLKATEETFKLSYGIATVREVLSD
RELHLSWEVGKPRPPLNRNYVFTGYRVTKNSKVQIGEYTFEKGDYGDAVVYRGTTTYKLNVGDYFVLTSHTVMPLSAPTL
VPQEHYVRITGLYPTLNISDEFSSNVANYQKVGMQKYSTLQGPPGTGKSHFAIGLALYYPSARIVYTACSHAAVDALCEK
ALKYLPIDKCSRIIPARARVECFDKFKVNSTLEQYVFCTVNALPETTADIVVFDEISMATNYDLSVVNARLRAKHYVYIG
DPAQLPAPRTLLTKGTLEPEYFNSVCRLMKTIGPDMFLGTCRRCPAEIVDTVSALVYDNKLKAHKDKSAQCFKMFYKGVI
THDVSSAINRPQIGVVREFLTRNPAWRKAVFISPYNSQNAVASKILGLPTQTVDSSQGSEYDYVIFTQTTETAHSCNVNR
FNVAITRAKVGILCIMSDRDLYDKLQFTSLEIPRRNVATLQ
;
_entity_poly.pdbx_strand_id   A,B
#
loop_
_chem_comp.id
_chem_comp.type
_chem_comp.name
_chem_comp.formula
NX7 non-polymer (2,6-difluorophenyl)(pyrrolidin-1-yl)methanone 'C11 H11 F2 N O'
PO4 non-polymer 'PHOSPHATE ION' 'O4 P -3'
ZN non-polymer 'ZINC ION' 'Zn 2'
#
# COMPACT_ATOMS: atom_id res chain seq x y z
N ALA A 1 19.75 17.14 1.73
CA ALA A 1 20.36 18.50 1.62
C ALA A 1 21.26 18.61 0.37
N VAL A 2 21.93 17.50 -0.01
CA VAL A 2 22.80 17.39 -1.21
C VAL A 2 22.17 16.40 -2.21
N GLY A 3 21.80 16.88 -3.40
CA GLY A 3 21.10 16.12 -4.44
C GLY A 3 21.44 16.59 -5.85
N ALA A 4 20.63 16.21 -6.83
CA ALA A 4 20.90 16.47 -8.27
C ALA A 4 19.98 17.58 -8.78
N CYS A 5 20.51 18.37 -9.71
CA CYS A 5 19.87 19.57 -10.33
C CYS A 5 18.75 19.14 -11.27
N VAL A 6 17.53 19.66 -11.08
CA VAL A 6 16.32 19.31 -11.91
C VAL A 6 16.54 19.73 -13.38
N LEU A 7 17.46 20.64 -13.70
CA LEU A 7 17.63 21.11 -15.11
C LEU A 7 18.78 20.38 -15.82
N CYS A 8 19.91 20.10 -15.14
CA CYS A 8 21.13 19.49 -15.77
C CYS A 8 21.68 18.31 -14.95
N ASN A 9 21.01 17.92 -13.86
CA ASN A 9 21.38 16.74 -13.03
C ASN A 9 22.70 17.00 -12.29
N SER A 10 23.42 18.08 -12.60
CA SER A 10 24.70 18.48 -11.96
C SER A 10 24.54 18.37 -10.44
N GLN A 11 25.46 17.68 -9.76
CA GLN A 11 25.41 17.49 -8.29
C GLN A 11 25.46 18.90 -7.65
N THR A 12 24.64 19.16 -6.62
CA THR A 12 24.60 20.48 -5.95
C THR A 12 24.13 20.34 -4.50
N SER A 13 24.38 21.38 -3.70
CA SER A 13 23.91 21.58 -2.31
C SER A 13 22.69 22.52 -2.31
N LEU A 14 22.43 23.20 -3.43
CA LEU A 14 21.46 24.32 -3.50
C LEU A 14 20.06 23.81 -3.85
N ARG A 15 19.08 24.19 -3.03
CA ARG A 15 17.61 24.04 -3.24
C ARG A 15 16.97 25.42 -3.24
N CYS A 16 16.00 25.69 -4.12
CA CYS A 16 15.17 26.92 -4.07
C CYS A 16 14.15 26.82 -2.92
N GLY A 17 14.22 27.72 -1.95
CA GLY A 17 13.31 27.74 -0.79
C GLY A 17 12.01 28.43 -1.13
N ALA A 18 11.90 28.98 -2.35
CA ALA A 18 10.75 29.81 -2.79
C ALA A 18 9.80 28.94 -3.62
N CYS A 19 10.35 28.09 -4.51
CA CYS A 19 9.61 26.94 -5.12
C CYS A 19 8.89 26.10 -4.05
N ILE A 20 7.60 25.76 -4.24
CA ILE A 20 6.82 24.93 -3.27
C ILE A 20 7.35 23.48 -3.21
N ARG A 21 8.06 23.01 -4.24
CA ARG A 21 8.68 21.65 -4.23
C ARG A 21 10.10 21.67 -3.64
N ARG A 22 10.82 22.81 -3.74
CA ARG A 22 12.21 23.02 -3.24
C ARG A 22 13.19 22.18 -4.05
N PRO A 23 13.25 22.38 -5.37
CA PRO A 23 14.13 21.61 -6.24
C PRO A 23 15.62 21.97 -6.07
N PHE A 24 16.47 20.95 -6.01
CA PHE A 24 17.94 21.06 -6.18
C PHE A 24 18.21 21.86 -7.47
N LEU A 25 18.93 22.97 -7.36
CA LEU A 25 19.42 23.77 -8.51
C LEU A 25 20.95 23.87 -8.44
N CYS A 26 21.63 23.63 -9.56
CA CYS A 26 23.11 23.72 -9.66
C CYS A 26 23.48 25.21 -9.76
N CYS A 27 24.59 25.59 -9.13
CA CYS A 27 25.16 26.96 -9.09
C CYS A 27 24.77 27.76 -10.34
N LYS A 28 25.04 27.26 -11.55
CA LYS A 28 24.82 28.01 -12.84
C LYS A 28 23.31 28.21 -13.08
N CYS A 29 22.49 27.19 -12.77
CA CYS A 29 21.02 27.18 -12.94
C CYS A 29 20.33 27.94 -11.78
N CYS A 30 20.73 27.69 -10.53
CA CYS A 30 20.17 28.39 -9.33
C CYS A 30 20.26 29.92 -9.50
N TYR A 31 21.31 30.41 -10.16
CA TYR A 31 21.52 31.86 -10.40
C TYR A 31 20.44 32.35 -11.38
N ASP A 32 20.40 31.72 -12.56
CA ASP A 32 19.52 32.08 -13.71
C ASP A 32 18.07 32.10 -13.23
N HIS A 33 17.71 31.24 -12.27
CA HIS A 33 16.40 31.24 -11.57
C HIS A 33 16.23 32.53 -10.75
N VAL A 34 17.10 32.75 -9.75
CA VAL A 34 16.90 33.79 -8.70
C VAL A 34 17.12 35.18 -9.29
N ILE A 35 17.87 35.29 -10.38
CA ILE A 35 18.14 36.62 -11.00
C ILE A 35 16.97 37.01 -11.92
N SER A 36 16.10 36.06 -12.30
CA SER A 36 14.99 36.26 -13.28
C SER A 36 13.62 36.13 -12.60
N THR A 37 13.52 35.70 -11.34
CA THR A 37 12.23 35.45 -10.64
C THR A 37 12.15 36.20 -9.30
N SER A 38 10.97 36.36 -8.73
CA SER A 38 10.76 36.82 -7.33
C SER A 38 11.34 35.78 -6.35
N HIS A 39 11.95 34.70 -6.84
CA HIS A 39 12.47 33.60 -5.98
C HIS A 39 13.93 33.95 -5.61
N LYS A 40 14.18 34.30 -4.34
CA LYS A 40 15.51 34.76 -3.87
C LYS A 40 16.03 33.86 -2.74
N LEU A 41 15.15 33.24 -1.94
CA LEU A 41 15.58 32.31 -0.88
C LEU A 41 16.23 31.07 -1.54
N VAL A 42 17.49 30.81 -1.16
CA VAL A 42 18.27 29.60 -1.51
C VAL A 42 18.50 28.82 -0.20
N LEU A 43 18.50 27.49 -0.27
CA LEU A 43 18.79 26.57 0.86
C LEU A 43 20.01 25.73 0.47
N SER A 44 20.85 25.39 1.46
CA SER A 44 22.04 24.51 1.35
C SER A 44 21.90 23.43 2.44
N VAL A 45 22.90 23.27 3.30
CA VAL A 45 22.74 22.56 4.62
C VAL A 45 21.90 23.48 5.52
N ASN A 46 22.14 24.78 5.42
CA ASN A 46 21.43 25.84 6.20
C ASN A 46 20.97 26.88 5.20
N PRO A 47 19.97 27.71 5.56
CA PRO A 47 19.46 28.69 4.61
C PRO A 47 20.52 29.77 4.35
N TYR A 48 20.57 30.27 3.11
CA TYR A 48 21.30 31.49 2.73
C TYR A 48 20.50 32.68 3.26
N VAL A 49 20.85 33.07 4.49
CA VAL A 49 20.29 34.23 5.25
C VAL A 49 21.48 34.97 5.87
N CYS A 50 21.35 36.28 6.12
CA CYS A 50 22.36 37.03 6.89
C CYS A 50 22.42 36.40 8.28
N ASN A 51 23.64 36.05 8.73
CA ASN A 51 23.89 35.31 9.99
C ASN A 51 24.10 36.29 11.15
N ALA A 52 24.10 37.60 10.88
CA ALA A 52 24.22 38.66 11.91
C ALA A 52 22.94 38.64 12.74
N PRO A 53 23.00 38.82 14.08
CA PRO A 53 21.79 38.79 14.89
C PRO A 53 20.75 39.83 14.46
N GLY A 54 19.50 39.38 14.31
CA GLY A 54 18.30 40.22 14.11
C GLY A 54 18.17 40.73 12.69
N CYS A 55 19.07 40.34 11.81
CA CYS A 55 19.09 40.81 10.40
C CYS A 55 18.17 39.93 9.55
N ASP A 56 17.27 40.55 8.80
CA ASP A 56 16.13 39.89 8.12
C ASP A 56 16.44 39.72 6.63
N VAL A 57 17.68 39.93 6.17
CA VAL A 57 18.08 39.82 4.72
C VAL A 57 18.21 38.33 4.39
N THR A 58 17.35 37.83 3.50
CA THR A 58 17.29 36.42 3.02
C THR A 58 17.54 36.37 1.51
N ASP A 59 17.52 37.51 0.80
CA ASP A 59 17.67 37.59 -0.68
C ASP A 59 19.12 37.27 -1.03
N VAL A 60 19.35 36.12 -1.68
CA VAL A 60 20.67 35.57 -2.06
C VAL A 60 21.48 36.63 -2.85
N THR A 61 20.81 37.55 -3.55
CA THR A 61 21.44 38.55 -4.45
C THR A 61 22.09 39.65 -3.61
N GLN A 62 21.60 39.84 -2.37
CA GLN A 62 22.06 40.86 -1.40
C GLN A 62 22.96 40.22 -0.32
N LEU A 63 23.45 38.99 -0.52
CA LEU A 63 24.21 38.23 0.53
C LEU A 63 25.61 37.88 0.04
N TYR A 64 26.50 37.61 1.00
CA TYR A 64 27.95 37.37 0.81
C TYR A 64 28.38 36.24 1.74
N LEU A 65 29.43 35.52 1.37
CA LEU A 65 30.12 34.54 2.25
C LEU A 65 31.34 35.19 2.92
N GLY A 66 31.28 35.39 4.26
CA GLY A 66 32.36 35.85 5.14
C GLY A 66 32.89 34.71 5.99
N GLY A 67 33.93 34.03 5.51
CA GLY A 67 34.41 32.76 6.08
C GLY A 67 33.54 31.60 5.63
N MET A 68 32.89 30.92 6.57
CA MET A 68 31.97 29.80 6.29
C MET A 68 30.52 30.27 6.52
N SER A 69 30.34 31.57 6.81
CA SER A 69 29.05 32.18 7.22
C SER A 69 28.58 33.18 6.15
N TYR A 70 27.33 33.62 6.23
CA TYR A 70 26.68 34.46 5.19
C TYR A 70 26.19 35.75 5.86
N TYR A 71 26.35 36.87 5.16
CA TYR A 71 26.01 38.24 5.66
C TYR A 71 25.54 39.11 4.49
N CYS A 72 24.66 40.06 4.75
CA CYS A 72 24.22 41.09 3.77
C CYS A 72 25.35 42.13 3.52
N LYS A 73 25.06 43.16 2.71
CA LYS A 73 25.98 44.29 2.41
C LYS A 73 26.33 45.05 3.71
N SER A 74 25.39 45.09 4.67
CA SER A 74 25.47 45.88 5.95
C SER A 74 26.25 45.15 7.05
N HIS A 75 26.47 43.83 6.93
CA HIS A 75 27.09 42.99 8.00
C HIS A 75 28.32 42.24 7.49
N LYS A 76 28.57 42.22 6.17
CA LYS A 76 29.69 41.40 5.60
C LYS A 76 31.03 41.95 6.08
N PRO A 77 32.01 41.08 6.39
CA PRO A 77 33.35 41.52 6.74
C PRO A 77 34.11 41.98 5.49
N PRO A 78 35.20 42.76 5.61
CA PRO A 78 35.91 43.28 4.44
C PRO A 78 36.25 42.15 3.44
N ILE A 79 36.74 41.02 3.94
CA ILE A 79 37.10 39.85 3.09
C ILE A 79 35.87 38.94 3.05
N SER A 80 35.03 39.20 2.02
CA SER A 80 33.76 38.49 1.71
C SER A 80 33.51 38.51 0.19
N PHE A 81 32.94 37.42 -0.30
CA PHE A 81 32.55 37.14 -1.71
C PHE A 81 31.04 37.30 -1.84
N PRO A 82 30.50 37.91 -2.93
CA PRO A 82 29.06 37.87 -3.18
C PRO A 82 28.61 36.43 -3.48
N LEU A 83 27.49 36.01 -2.90
CA LEU A 83 26.93 34.65 -3.16
C LEU A 83 26.56 34.54 -4.64
N CYS A 84 25.99 35.60 -5.22
CA CYS A 84 25.70 35.71 -6.67
C CYS A 84 26.86 36.42 -7.36
N ALA A 85 27.68 35.68 -8.10
CA ALA A 85 28.80 36.19 -8.91
C ALA A 85 28.93 35.39 -10.22
N ASN A 86 29.39 36.04 -11.29
CA ASN A 86 29.76 35.40 -12.59
C ASN A 86 28.76 34.28 -12.94
N GLY A 87 27.47 34.59 -12.93
CA GLY A 87 26.39 33.68 -13.41
C GLY A 87 26.17 32.48 -12.49
N GLN A 88 26.69 32.50 -11.26
CA GLN A 88 26.57 31.35 -10.30
C GLN A 88 26.14 31.84 -8.91
N VAL A 89 25.61 30.92 -8.11
CA VAL A 89 25.32 31.05 -6.64
C VAL A 89 26.32 30.14 -5.94
N PHE A 90 27.09 30.66 -4.99
CA PHE A 90 28.12 29.88 -4.26
C PHE A 90 27.44 28.66 -3.62
N GLY A 91 27.77 27.47 -4.13
CA GLY A 91 27.44 26.19 -3.49
C GLY A 91 28.55 25.19 -3.72
N LEU A 92 28.40 23.97 -3.23
CA LEU A 92 29.39 22.88 -3.42
C LEU A 92 29.30 22.40 -4.88
N TYR A 93 30.36 21.77 -5.38
CA TYR A 93 30.42 21.08 -6.70
C TYR A 93 30.29 22.09 -7.86
N LYS A 94 30.80 23.32 -7.69
CA LYS A 94 30.59 24.48 -8.61
C LYS A 94 30.94 24.10 -10.05
N VAL A 103 16.01 27.15 -19.03
CA VAL A 103 15.84 27.65 -17.63
C VAL A 103 14.80 28.77 -17.59
N THR A 104 14.58 29.51 -18.69
CA THR A 104 13.37 30.33 -18.95
C THR A 104 12.13 29.50 -18.60
N ASP A 105 12.08 28.24 -19.07
CA ASP A 105 10.92 27.32 -18.94
C ASP A 105 10.77 26.85 -17.49
N PHE A 106 11.87 26.50 -16.81
CA PHE A 106 11.83 26.21 -15.36
C PHE A 106 11.20 27.40 -14.59
N ASN A 107 11.55 28.63 -14.95
CA ASN A 107 11.11 29.85 -14.22
C ASN A 107 9.59 30.00 -14.31
N ALA A 108 9.05 29.82 -15.51
CA ALA A 108 7.60 29.91 -15.80
C ALA A 108 6.85 28.81 -15.05
N ILE A 109 7.38 27.58 -14.98
CA ILE A 109 6.77 26.44 -14.24
C ILE A 109 6.79 26.76 -12.74
N ALA A 110 7.92 27.24 -12.23
CA ALA A 110 8.17 27.49 -10.79
C ALA A 110 7.21 28.54 -10.23
N THR A 111 6.80 29.53 -11.03
CA THR A 111 6.15 30.78 -10.56
C THR A 111 4.67 30.91 -11.01
N CYS A 112 4.20 30.11 -11.99
CA CYS A 112 2.80 30.19 -12.50
C CYS A 112 1.80 29.69 -11.45
N ASP A 113 0.57 30.18 -11.47
CA ASP A 113 -0.53 29.79 -10.54
C ASP A 113 -1.31 28.58 -11.08
N TRP A 114 -1.09 28.18 -12.34
CA TRP A 114 -1.67 27.00 -13.03
C TRP A 114 -3.12 27.24 -13.47
N THR A 115 -3.51 28.51 -13.67
CA THR A 115 -4.89 28.92 -14.02
C THR A 115 -4.97 29.22 -15.52
N ASN A 116 -3.81 29.26 -16.19
CA ASN A 116 -3.70 29.54 -17.64
C ASN A 116 -3.38 28.23 -18.38
N ALA A 117 -3.91 28.06 -19.59
CA ALA A 117 -3.63 26.89 -20.45
C ALA A 117 -2.13 26.83 -20.75
N GLY A 118 -1.54 28.00 -21.03
CA GLY A 118 -0.12 28.14 -21.40
C GLY A 118 0.79 27.45 -20.39
N ASP A 119 0.37 27.43 -19.13
CA ASP A 119 1.09 26.74 -18.03
C ASP A 119 1.12 25.23 -18.34
N TYR A 120 0.00 24.67 -18.80
CA TYR A 120 -0.15 23.23 -19.08
C TYR A 120 0.59 22.92 -20.38
N ILE A 121 0.55 23.84 -21.33
CA ILE A 121 1.25 23.70 -22.63
C ILE A 121 2.74 23.53 -22.34
N LEU A 122 3.31 24.45 -21.57
CA LEU A 122 4.74 24.43 -21.18
C LEU A 122 5.09 23.16 -20.39
N ALA A 123 4.26 22.74 -19.44
CA ALA A 123 4.44 21.51 -18.63
C ALA A 123 4.50 20.25 -19.52
N ASN A 124 4.28 20.40 -20.83
CA ASN A 124 4.21 19.23 -21.77
C ASN A 124 5.14 19.41 -22.96
N THR A 125 5.56 20.63 -23.30
CA THR A 125 6.52 20.89 -24.41
C THR A 125 7.95 20.94 -23.85
N CYS A 126 8.13 21.00 -22.53
CA CYS A 126 9.45 21.17 -21.88
C CYS A 126 10.25 19.86 -21.98
N THR A 127 11.45 19.83 -21.38
CA THR A 127 12.29 18.63 -21.15
C THR A 127 11.60 17.69 -20.15
N GLU A 128 12.09 16.45 -20.09
CA GLU A 128 11.49 15.33 -19.33
C GLU A 128 11.62 15.57 -17.82
N ARG A 129 12.76 16.04 -17.32
CA ARG A 129 12.85 16.30 -15.85
C ARG A 129 11.95 17.50 -15.50
N LEU A 130 11.76 18.45 -16.42
CA LEU A 130 10.88 19.61 -16.17
C LEU A 130 9.40 19.19 -16.24
N LYS A 131 9.09 18.09 -16.92
CA LYS A 131 7.71 17.53 -16.93
C LYS A 131 7.39 17.03 -15.51
N LEU A 132 8.38 16.40 -14.85
CA LEU A 132 8.19 15.88 -13.47
C LEU A 132 8.06 17.03 -12.48
N PHE A 133 8.88 18.09 -12.65
CA PHE A 133 8.91 19.26 -11.74
C PHE A 133 7.53 19.93 -11.81
N ALA A 134 7.11 20.28 -13.04
CA ALA A 134 5.77 20.81 -13.41
C ALA A 134 4.68 19.95 -12.77
N ALA A 135 4.71 18.63 -13.00
CA ALA A 135 3.66 17.67 -12.56
C ALA A 135 3.55 17.64 -11.03
N GLU A 136 4.67 17.72 -10.29
CA GLU A 136 4.62 17.78 -8.79
C GLU A 136 4.10 19.14 -8.36
N THR A 137 4.58 20.19 -9.02
CA THR A 137 4.31 21.60 -8.66
C THR A 137 2.80 21.81 -8.81
N LEU A 138 2.29 21.49 -10.00
CA LEU A 138 0.84 21.57 -10.34
C LEU A 138 0.06 20.83 -9.27
N LYS A 139 0.44 19.59 -8.97
CA LYS A 139 -0.41 18.74 -8.11
C LYS A 139 -0.37 19.32 -6.70
N ALA A 140 0.80 19.77 -6.29
CA ALA A 140 0.99 20.44 -4.99
C ALA A 140 0.01 21.61 -4.92
N THR A 141 0.04 22.48 -5.94
CA THR A 141 -0.82 23.69 -6.02
C THR A 141 -2.30 23.30 -6.01
N GLU A 142 -2.68 22.22 -6.73
CA GLU A 142 -4.07 21.72 -6.78
C GLU A 142 -4.53 21.34 -5.36
N GLU A 143 -3.65 20.74 -4.56
CA GLU A 143 -3.97 20.20 -3.20
C GLU A 143 -4.17 21.36 -2.22
N THR A 144 -3.27 22.34 -2.22
CA THR A 144 -3.30 23.53 -1.31
C THR A 144 -4.44 24.48 -1.72
N PHE A 145 -5.03 24.30 -2.90
CA PHE A 145 -6.24 25.05 -3.32
C PHE A 145 -7.49 24.47 -2.67
N LYS A 146 -7.51 23.15 -2.41
CA LYS A 146 -8.67 22.47 -1.76
C LYS A 146 -8.94 23.14 -0.40
N LEU A 147 -7.88 23.60 0.29
CA LEU A 147 -7.96 24.24 1.62
C LEU A 147 -8.70 25.59 1.54
N SER A 148 -8.80 26.19 0.34
CA SER A 148 -9.47 27.49 0.08
C SER A 148 -10.97 27.41 0.35
N TYR A 149 -11.57 26.23 0.15
CA TYR A 149 -13.03 25.99 0.20
C TYR A 149 -13.52 25.88 1.65
N GLY A 150 -14.77 26.31 1.89
CA GLY A 150 -15.42 26.32 3.21
C GLY A 150 -15.89 24.93 3.62
N ILE A 151 -16.02 24.71 4.93
CA ILE A 151 -16.51 23.44 5.55
C ILE A 151 -18.04 23.42 5.42
N ALA A 152 -18.62 22.22 5.27
CA ALA A 152 -20.09 21.99 5.21
C ALA A 152 -20.55 21.30 6.48
N THR A 153 -21.19 22.04 7.39
CA THR A 153 -21.74 21.53 8.67
C THR A 153 -23.23 21.25 8.43
N VAL A 154 -23.71 20.05 8.78
CA VAL A 154 -25.10 19.56 8.55
C VAL A 154 -26.07 20.29 9.50
N ARG A 155 -27.02 21.05 8.93
CA ARG A 155 -28.07 21.78 9.68
C ARG A 155 -29.23 20.82 10.02
N GLU A 156 -29.76 20.07 9.04
CA GLU A 156 -30.88 19.10 9.22
C GLU A 156 -30.78 17.92 8.23
N VAL A 157 -30.98 16.68 8.72
CA VAL A 157 -31.01 15.40 7.94
C VAL A 157 -32.46 15.06 7.59
N LEU A 158 -32.88 15.31 6.34
CA LEU A 158 -34.27 15.07 5.86
C LEU A 158 -34.55 13.56 5.77
N SER A 159 -33.71 12.85 5.03
CA SER A 159 -33.92 11.42 4.65
C SER A 159 -32.59 10.68 4.61
N ASP A 160 -32.56 9.53 3.92
CA ASP A 160 -31.38 8.64 3.75
C ASP A 160 -30.62 8.98 2.46
N ARG A 161 -31.11 9.96 1.70
CA ARG A 161 -30.49 10.40 0.41
C ARG A 161 -30.66 11.91 0.16
N GLU A 162 -31.15 12.69 1.13
CA GLU A 162 -31.29 14.18 1.02
C GLU A 162 -30.98 14.80 2.40
N LEU A 163 -30.27 15.93 2.45
CA LEU A 163 -30.12 16.74 3.69
C LEU A 163 -29.90 18.23 3.39
N HIS A 164 -29.83 19.05 4.43
CA HIS A 164 -29.64 20.53 4.37
C HIS A 164 -28.28 20.89 4.98
N LEU A 165 -27.51 21.77 4.31
CA LEU A 165 -26.10 22.08 4.67
C LEU A 165 -25.94 23.57 5.04
N SER A 166 -25.12 23.80 6.07
CA SER A 166 -24.62 25.11 6.57
C SER A 166 -23.16 25.27 6.15
N TRP A 167 -22.87 26.27 5.29
CA TRP A 167 -21.54 26.53 4.66
C TRP A 167 -20.76 27.61 5.41
N GLU A 168 -19.44 27.42 5.54
CA GLU A 168 -18.52 28.33 6.27
C GLU A 168 -18.48 29.69 5.56
N VAL A 169 -18.79 30.75 6.31
CA VAL A 169 -18.77 32.17 5.81
C VAL A 169 -17.31 32.57 5.54
N GLY A 170 -17.10 33.38 4.50
CA GLY A 170 -15.79 33.98 4.13
C GLY A 170 -14.91 33.05 3.31
N LYS A 171 -15.39 31.85 2.97
CA LYS A 171 -14.65 30.84 2.14
C LYS A 171 -15.57 30.34 1.04
N PRO A 172 -15.11 30.30 -0.23
CA PRO A 172 -15.93 29.87 -1.35
C PRO A 172 -16.49 28.45 -1.14
N ARG A 173 -17.56 28.11 -1.87
CA ARG A 173 -18.24 26.78 -1.79
C ARG A 173 -17.85 25.97 -3.02
N PRO A 174 -17.36 24.72 -2.85
CA PRO A 174 -16.91 23.92 -3.99
C PRO A 174 -18.05 23.41 -4.86
N PRO A 175 -17.85 23.23 -6.18
CA PRO A 175 -18.89 22.68 -7.04
C PRO A 175 -19.45 21.39 -6.41
N LEU A 176 -20.78 21.27 -6.30
CA LEU A 176 -21.47 20.11 -5.68
C LEU A 176 -21.83 19.09 -6.77
N ASN A 177 -20.84 18.64 -7.56
CA ASN A 177 -20.97 17.58 -8.58
C ASN A 177 -20.52 16.26 -7.95
N ARG A 178 -20.29 15.22 -8.75
CA ARG A 178 -19.64 13.95 -8.30
C ARG A 178 -18.11 14.12 -8.33
N ASN A 179 -17.59 15.03 -9.16
CA ASN A 179 -16.13 15.33 -9.27
C ASN A 179 -15.56 15.57 -7.87
N TYR A 180 -16.20 16.45 -7.10
CA TYR A 180 -15.72 16.93 -5.77
C TYR A 180 -16.17 15.95 -4.69
N VAL A 181 -15.26 15.04 -4.29
CA VAL A 181 -15.52 13.99 -3.24
C VAL A 181 -15.02 14.54 -1.90
N PHE A 182 -15.93 14.65 -0.93
CA PHE A 182 -15.66 15.15 0.44
C PHE A 182 -15.28 13.99 1.34
N THR A 183 -14.58 14.30 2.44
CA THR A 183 -14.34 13.38 3.58
C THR A 183 -15.15 13.92 4.77
N GLY A 184 -15.99 13.06 5.37
CA GLY A 184 -16.88 13.39 6.50
C GLY A 184 -16.25 12.99 7.83
N TYR A 185 -16.66 13.63 8.92
CA TYR A 185 -16.04 13.50 10.27
C TYR A 185 -17.09 13.69 11.39
N GLN A 194 -14.08 10.06 11.25
CA GLN A 194 -13.78 9.62 9.86
C GLN A 194 -14.95 8.76 9.34
N ILE A 195 -16.10 9.40 9.05
CA ILE A 195 -17.40 8.71 8.75
C ILE A 195 -17.41 8.25 7.29
N GLY A 196 -16.28 8.35 6.56
CA GLY A 196 -16.12 7.85 5.18
C GLY A 196 -16.38 8.94 4.16
N GLU A 197 -15.99 8.72 2.90
CA GLU A 197 -16.08 9.70 1.80
C GLU A 197 -17.57 9.89 1.42
N TYR A 198 -17.95 11.12 1.05
CA TYR A 198 -19.35 11.53 0.75
C TYR A 198 -19.34 12.47 -0.46
N THR A 199 -20.37 12.38 -1.32
CA THR A 199 -20.62 13.32 -2.46
C THR A 199 -22.02 13.92 -2.35
N PHE A 200 -22.25 15.02 -3.08
CA PHE A 200 -23.48 15.87 -3.05
C PHE A 200 -23.91 16.27 -4.47
N GLU A 201 -25.24 16.39 -4.67
CA GLU A 201 -25.90 16.83 -5.92
C GLU A 201 -26.99 17.84 -5.58
N LYS A 202 -27.15 18.90 -6.39
CA LYS A 202 -28.20 19.93 -6.25
C LYS A 202 -29.43 19.51 -7.07
N ASP A 207 -33.63 24.20 -1.39
CA ASP A 207 -32.43 23.99 -0.53
C ASP A 207 -32.05 22.50 -0.41
N ALA A 208 -32.90 21.58 -0.90
CA ALA A 208 -32.72 20.11 -0.77
C ALA A 208 -31.49 19.67 -1.58
N VAL A 209 -30.46 19.17 -0.88
CA VAL A 209 -29.20 18.65 -1.51
C VAL A 209 -29.14 17.11 -1.29
N VAL A 210 -28.73 16.38 -2.34
CA VAL A 210 -28.69 14.88 -2.42
C VAL A 210 -27.31 14.41 -1.94
N TYR A 211 -27.24 13.64 -0.83
CA TYR A 211 -25.99 13.15 -0.20
C TYR A 211 -25.80 11.65 -0.51
N ARG A 212 -24.56 11.23 -0.76
CA ARG A 212 -24.21 9.83 -1.14
C ARG A 212 -22.94 9.39 -0.40
N GLY A 213 -23.09 8.61 0.67
CA GLY A 213 -22.00 8.15 1.54
C GLY A 213 -21.41 6.84 1.07
N THR A 214 -20.13 6.85 0.67
CA THR A 214 -19.38 5.65 0.22
C THR A 214 -19.50 4.59 1.33
N THR A 215 -19.35 5.00 2.59
CA THR A 215 -19.70 4.20 3.79
C THR A 215 -21.07 4.69 4.28
N THR A 216 -22.06 3.79 4.39
CA THR A 216 -23.44 4.12 4.83
C THR A 216 -23.41 4.42 6.34
N TYR A 217 -23.94 5.58 6.74
CA TYR A 217 -23.92 6.09 8.13
C TYR A 217 -25.21 6.86 8.42
N LYS A 218 -25.83 6.58 9.57
CA LYS A 218 -26.99 7.34 10.12
C LYS A 218 -26.54 8.80 10.29
N LEU A 219 -26.70 9.60 9.24
CA LEU A 219 -26.16 11.00 9.13
C LEU A 219 -26.52 11.80 10.39
N ASN A 220 -25.52 12.13 11.22
CA ASN A 220 -25.67 12.92 12.47
C ASN A 220 -25.65 14.41 12.12
N VAL A 221 -26.62 15.18 12.66
CA VAL A 221 -26.72 16.66 12.53
C VAL A 221 -25.59 17.29 13.35
N GLY A 222 -24.86 18.26 12.77
CA GLY A 222 -23.68 18.90 13.37
C GLY A 222 -22.38 18.34 12.82
N ASP A 223 -22.34 17.05 12.46
CA ASP A 223 -21.17 16.41 11.78
C ASP A 223 -20.86 17.25 10.53
N TYR A 224 -19.59 17.30 10.12
CA TYR A 224 -19.10 18.20 9.03
C TYR A 224 -18.36 17.38 7.96
N PHE A 225 -18.24 17.95 6.75
CA PHE A 225 -17.54 17.39 5.57
C PHE A 225 -16.40 18.32 5.15
N VAL A 226 -15.26 17.77 4.73
CA VAL A 226 -14.04 18.51 4.26
C VAL A 226 -13.41 17.72 3.10
N LEU A 227 -12.92 18.43 2.08
CA LEU A 227 -12.23 17.85 0.89
C LEU A 227 -10.83 17.37 1.30
N THR A 228 -10.54 16.08 1.10
CA THR A 228 -9.28 15.40 1.55
C THR A 228 -8.11 15.79 0.63
N SER A 229 -7.33 16.78 1.04
CA SER A 229 -6.04 17.19 0.40
C SER A 229 -4.97 16.14 0.72
N HIS A 230 -4.58 15.31 -0.26
CA HIS A 230 -3.55 14.24 -0.11
C HIS A 230 -2.15 14.80 -0.43
N THR A 231 -1.15 14.47 0.40
CA THR A 231 0.24 14.96 0.27
C THR A 231 0.82 14.48 -1.06
N VAL A 232 1.30 15.41 -1.89
CA VAL A 232 1.90 15.14 -3.23
C VAL A 232 3.30 14.58 -3.05
N MET A 233 3.48 13.28 -3.25
CA MET A 233 4.80 12.62 -3.23
C MET A 233 5.66 13.13 -4.39
N PRO A 234 6.99 13.06 -4.27
CA PRO A 234 7.87 13.41 -5.38
C PRO A 234 7.86 12.34 -6.48
N LEU A 235 8.19 12.76 -7.70
CA LEU A 235 8.28 11.89 -8.90
C LEU A 235 9.76 11.60 -9.12
N SER A 236 10.08 10.38 -9.56
CA SER A 236 11.45 9.89 -9.90
C SER A 236 11.50 9.46 -11.36
N ALA A 237 10.57 8.60 -11.77
CA ALA A 237 10.52 7.96 -13.10
C ALA A 237 10.03 8.96 -14.15
N PRO A 238 10.52 8.89 -15.41
CA PRO A 238 10.00 9.76 -16.46
C PRO A 238 8.52 9.47 -16.72
N THR A 239 7.82 10.37 -17.42
CA THR A 239 6.44 10.14 -17.91
C THR A 239 6.47 8.91 -18.82
N LEU A 240 7.38 8.97 -19.80
CA LEU A 240 7.67 7.96 -20.83
C LEU A 240 9.13 7.54 -20.67
N VAL A 241 9.40 6.24 -20.52
CA VAL A 241 10.79 5.72 -20.54
C VAL A 241 11.37 6.07 -21.91
N PRO A 242 12.69 5.95 -22.13
CA PRO A 242 13.27 6.27 -23.42
C PRO A 242 12.76 5.19 -24.39
N GLN A 243 12.50 5.54 -25.65
CA GLN A 243 12.02 4.58 -26.67
C GLN A 243 13.17 3.61 -27.00
N GLU A 244 12.87 2.31 -27.08
CA GLU A 244 13.78 1.26 -27.62
C GLU A 244 13.05 0.54 -28.76
N HIS A 245 13.63 0.55 -29.95
CA HIS A 245 13.19 -0.28 -31.10
C HIS A 245 14.06 -1.52 -31.18
N TYR A 246 13.45 -2.69 -31.34
CA TYR A 246 14.13 -4.00 -31.44
C TYR A 246 13.90 -4.54 -32.85
N VAL A 247 14.66 -5.57 -33.21
CA VAL A 247 14.66 -6.24 -34.56
C VAL A 247 13.76 -7.47 -34.51
N ARG A 248 13.68 -8.13 -33.35
CA ARG A 248 12.83 -9.31 -33.06
C ARG A 248 11.94 -8.98 -31.84
N ILE A 249 10.83 -9.71 -31.69
CA ILE A 249 9.95 -9.63 -30.48
C ILE A 249 10.83 -9.93 -29.26
N THR A 250 10.91 -8.99 -28.33
CA THR A 250 11.85 -9.02 -27.18
C THR A 250 11.10 -9.52 -25.93
N GLY A 251 11.56 -10.60 -25.30
CA GLY A 251 11.08 -11.06 -23.98
C GLY A 251 9.67 -11.63 -23.98
N LEU A 252 9.01 -11.69 -25.13
CA LEU A 252 7.61 -12.20 -25.23
C LEU A 252 7.63 -13.40 -26.17
N TYR A 253 6.69 -14.35 -25.99
CA TYR A 253 6.60 -15.63 -26.77
C TYR A 253 5.21 -15.76 -27.37
N PRO A 254 5.08 -15.51 -28.70
CA PRO A 254 3.78 -15.57 -29.38
C PRO A 254 3.17 -16.98 -29.48
N THR A 255 1.85 -17.08 -29.68
CA THR A 255 1.16 -18.32 -30.13
C THR A 255 1.26 -18.42 -31.67
N LEU A 256 0.98 -19.62 -32.18
CA LEU A 256 0.68 -19.93 -33.60
C LEU A 256 -0.79 -20.32 -33.70
N ASN A 257 -1.50 -20.23 -32.58
CA ASN A 257 -2.90 -20.71 -32.39
C ASN A 257 -3.75 -19.56 -31.80
N ILE A 258 -3.68 -18.36 -32.38
CA ILE A 258 -4.47 -17.16 -31.94
C ILE A 258 -5.80 -17.17 -32.70
N SER A 259 -6.93 -17.20 -31.98
CA SER A 259 -8.29 -17.33 -32.56
C SER A 259 -8.57 -16.15 -33.51
N ASP A 260 -9.29 -16.42 -34.60
CA ASP A 260 -9.56 -15.46 -35.71
C ASP A 260 -10.10 -14.16 -35.13
N GLU A 261 -10.78 -14.23 -33.97
CA GLU A 261 -11.33 -13.07 -33.22
C GLU A 261 -10.29 -11.94 -33.16
N PHE A 262 -9.01 -12.30 -32.97
CA PHE A 262 -7.90 -11.37 -32.66
C PHE A 262 -6.85 -11.35 -33.78
N SER A 263 -7.08 -12.10 -34.86
CA SER A 263 -6.17 -12.18 -36.04
C SER A 263 -5.97 -10.79 -36.68
N SER A 264 -6.95 -9.89 -36.52
CA SER A 264 -6.90 -8.51 -37.07
C SER A 264 -5.77 -7.72 -36.40
N ASN A 265 -5.44 -8.04 -35.13
CA ASN A 265 -4.51 -7.27 -34.26
C ASN A 265 -3.12 -7.93 -34.17
N VAL A 266 -2.80 -8.93 -35.00
CA VAL A 266 -1.54 -9.72 -34.82
C VAL A 266 -0.36 -8.84 -35.20
N ALA A 267 -0.45 -8.09 -36.30
CA ALA A 267 0.65 -7.20 -36.76
C ALA A 267 0.96 -6.15 -35.67
N ASN A 268 -0.08 -5.51 -35.13
CA ASN A 268 0.02 -4.53 -34.01
C ASN A 268 0.62 -5.20 -32.77
N TYR A 269 0.23 -6.43 -32.47
CA TYR A 269 0.68 -7.22 -31.30
C TYR A 269 2.19 -7.49 -31.42
N GLN A 270 2.68 -7.69 -32.64
CA GLN A 270 4.12 -7.92 -32.95
C GLN A 270 4.88 -6.58 -32.87
N LYS A 271 4.29 -5.47 -33.31
CA LYS A 271 4.83 -4.10 -33.11
C LYS A 271 5.06 -3.87 -31.60
N VAL A 272 4.10 -4.28 -30.76
CA VAL A 272 4.17 -4.12 -29.26
C VAL A 272 5.44 -4.80 -28.72
N GLY A 273 5.79 -5.98 -29.24
CA GLY A 273 6.94 -6.78 -28.76
C GLY A 273 8.29 -6.34 -29.35
N MET A 274 8.28 -5.47 -30.37
CA MET A 274 9.49 -4.96 -31.07
C MET A 274 9.72 -3.47 -30.77
N GLN A 275 9.21 -2.98 -29.63
CA GLN A 275 9.36 -1.59 -29.14
C GLN A 275 9.32 -1.62 -27.60
N LYS A 276 9.90 -0.63 -26.93
CA LYS A 276 9.81 -0.54 -25.45
C LYS A 276 8.37 -0.15 -25.09
N TYR A 277 7.90 0.97 -25.66
CA TYR A 277 6.50 1.44 -25.47
C TYR A 277 5.86 1.66 -26.85
N SER A 278 4.55 1.49 -26.89
CA SER A 278 3.71 1.73 -28.09
C SER A 278 2.46 2.50 -27.68
N THR A 279 1.95 3.30 -28.62
CA THR A 279 0.72 4.12 -28.51
C THR A 279 -0.36 3.54 -29.43
N LEU A 280 -1.55 3.30 -28.87
CA LEU A 280 -2.77 2.91 -29.66
C LEU A 280 -3.86 3.99 -29.53
N GLN A 281 -4.14 4.69 -30.63
CA GLN A 281 -5.31 5.57 -30.77
C GLN A 281 -6.48 4.72 -31.26
N GLY A 282 -7.48 4.53 -30.40
CA GLY A 282 -8.73 3.80 -30.68
C GLY A 282 -9.94 4.67 -30.44
N PRO A 283 -10.50 5.30 -31.51
CA PRO A 283 -11.76 6.04 -31.44
C PRO A 283 -12.83 5.17 -30.82
N PRO A 284 -14.00 5.73 -30.47
CA PRO A 284 -15.01 4.97 -29.73
C PRO A 284 -15.41 3.71 -30.51
N GLY A 285 -15.48 2.59 -29.79
CA GLY A 285 -16.02 1.31 -30.27
C GLY A 285 -15.16 0.67 -31.35
N THR A 286 -13.85 0.96 -31.38
CA THR A 286 -12.91 0.49 -32.44
C THR A 286 -12.18 -0.78 -31.99
N GLY A 287 -12.42 -1.25 -30.77
CA GLY A 287 -11.88 -2.52 -30.25
C GLY A 287 -10.62 -2.34 -29.38
N LYS A 288 -10.58 -1.32 -28.51
CA LYS A 288 -9.48 -1.13 -27.53
C LYS A 288 -9.49 -2.28 -26.50
N SER A 289 -10.57 -2.49 -25.74
CA SER A 289 -10.65 -3.59 -24.73
C SER A 289 -10.22 -4.90 -25.40
N HIS A 290 -10.72 -5.11 -26.61
CA HIS A 290 -10.51 -6.31 -27.44
C HIS A 290 -9.02 -6.42 -27.72
N PHE A 291 -8.41 -5.31 -28.13
CA PHE A 291 -6.94 -5.22 -28.35
C PHE A 291 -6.18 -5.57 -27.07
N ALA A 292 -6.49 -4.88 -25.98
CA ALA A 292 -5.78 -5.05 -24.69
C ALA A 292 -5.80 -6.52 -24.27
N ILE A 293 -6.97 -7.16 -24.27
CA ILE A 293 -7.15 -8.55 -23.74
C ILE A 293 -6.54 -9.52 -24.77
N GLY A 294 -6.67 -9.21 -26.06
CA GLY A 294 -6.14 -10.04 -27.15
C GLY A 294 -4.63 -10.13 -27.13
N LEU A 295 -4.00 -9.19 -26.46
CA LEU A 295 -2.53 -9.12 -26.33
C LEU A 295 -2.08 -10.24 -25.40
N ALA A 296 -2.88 -10.54 -24.39
CA ALA A 296 -2.62 -11.61 -23.39
C ALA A 296 -2.68 -12.98 -24.09
N LEU A 297 -3.64 -13.16 -25.02
CA LEU A 297 -3.88 -14.41 -25.78
C LEU A 297 -2.76 -14.60 -26.81
N TYR A 298 -2.26 -13.52 -27.40
CA TYR A 298 -1.15 -13.58 -28.37
C TYR A 298 0.19 -13.89 -27.68
N TYR A 299 0.44 -13.31 -26.51
CA TYR A 299 1.63 -13.59 -25.66
C TYR A 299 1.16 -14.35 -24.43
N PRO A 300 0.75 -15.63 -24.58
CA PRO A 300 -0.06 -16.31 -23.56
C PRO A 300 0.60 -16.56 -22.20
N SER A 301 1.94 -16.56 -22.14
CA SER A 301 2.76 -16.81 -20.92
C SER A 301 3.12 -15.48 -20.24
N ALA A 302 2.99 -14.36 -20.98
CA ALA A 302 3.40 -13.00 -20.53
C ALA A 302 2.55 -12.56 -19.34
N ARG A 303 3.21 -11.95 -18.35
CA ARG A 303 2.56 -11.35 -17.17
C ARG A 303 2.20 -9.91 -17.57
N ILE A 304 0.92 -9.58 -17.50
CA ILE A 304 0.41 -8.25 -17.92
C ILE A 304 -0.29 -7.61 -16.72
N VAL A 305 0.15 -6.40 -16.42
CA VAL A 305 -0.55 -5.47 -15.49
C VAL A 305 -1.38 -4.52 -16.36
N TYR A 306 -2.68 -4.54 -16.10
CA TYR A 306 -3.73 -3.70 -16.75
C TYR A 306 -4.06 -2.56 -15.80
N THR A 307 -3.78 -1.33 -16.18
CA THR A 307 -3.97 -0.13 -15.32
C THR A 307 -4.68 0.97 -16.10
N ALA A 308 -5.43 1.78 -15.36
CA ALA A 308 -6.07 3.06 -15.79
C ALA A 308 -6.27 3.92 -14.54
N CYS A 309 -6.44 5.23 -14.70
CA CYS A 309 -6.65 6.18 -13.58
C CYS A 309 -7.91 5.79 -12.82
N SER A 310 -9.05 5.60 -13.49
CA SER A 310 -10.39 5.39 -12.83
C SER A 310 -10.66 3.90 -12.59
N HIS A 311 -11.49 3.61 -11.59
CA HIS A 311 -11.97 2.23 -11.28
C HIS A 311 -12.83 1.70 -12.44
N ALA A 312 -13.66 2.57 -13.04
CA ALA A 312 -14.55 2.19 -14.15
C ALA A 312 -13.69 1.61 -15.29
N ALA A 313 -12.58 2.28 -15.65
CA ALA A 313 -11.72 1.87 -16.79
C ALA A 313 -11.08 0.51 -16.49
N VAL A 314 -10.65 0.28 -15.24
CA VAL A 314 -9.96 -0.97 -14.84
C VAL A 314 -10.99 -2.11 -14.82
N ASP A 315 -12.21 -1.82 -14.34
CA ASP A 315 -13.38 -2.75 -14.30
C ASP A 315 -13.85 -3.10 -15.74
N ALA A 316 -13.84 -2.13 -16.65
CA ALA A 316 -14.11 -2.38 -18.08
C ALA A 316 -13.11 -3.41 -18.61
N LEU A 317 -11.83 -3.31 -18.26
CA LEU A 317 -10.79 -4.26 -18.72
C LEU A 317 -10.99 -5.64 -18.05
N CYS A 318 -11.60 -5.66 -16.85
CA CYS A 318 -11.90 -6.90 -16.09
C CYS A 318 -13.04 -7.67 -16.77
N GLU A 319 -14.12 -6.97 -17.16
CA GLU A 319 -15.23 -7.56 -17.94
C GLU A 319 -14.67 -8.28 -19.17
N LYS A 320 -13.82 -7.61 -19.94
CA LYS A 320 -13.26 -8.19 -21.18
C LYS A 320 -12.38 -9.40 -20.83
N ALA A 321 -11.61 -9.34 -19.75
CA ALA A 321 -10.69 -10.42 -19.33
C ALA A 321 -11.51 -11.64 -18.93
N LEU A 322 -12.58 -11.40 -18.16
CA LEU A 322 -13.52 -12.45 -17.66
C LEU A 322 -14.00 -13.30 -18.84
N LYS A 323 -14.28 -12.67 -19.98
CA LYS A 323 -14.82 -13.34 -21.20
C LYS A 323 -13.75 -14.21 -21.90
N TYR A 324 -12.44 -13.87 -21.83
CA TYR A 324 -11.43 -14.49 -22.72
C TYR A 324 -10.23 -15.07 -21.97
N LEU A 325 -9.97 -14.62 -20.75
CA LEU A 325 -8.77 -15.05 -19.99
C LEU A 325 -9.19 -15.93 -18.83
N PRO A 326 -8.32 -16.88 -18.41
CA PRO A 326 -8.63 -17.79 -17.30
C PRO A 326 -8.78 -17.00 -15.99
N ILE A 327 -9.94 -17.11 -15.35
CA ILE A 327 -10.36 -16.34 -14.13
C ILE A 327 -9.38 -16.55 -12.95
N ASP A 328 -8.73 -17.71 -12.86
CA ASP A 328 -7.86 -18.03 -11.70
C ASP A 328 -6.56 -17.22 -11.80
N LYS A 329 -6.13 -16.86 -13.02
CA LYS A 329 -4.87 -16.12 -13.28
C LYS A 329 -5.12 -14.60 -13.30
N CYS A 330 -6.28 -14.16 -12.84
CA CYS A 330 -6.67 -12.72 -12.77
C CYS A 330 -6.84 -12.28 -11.32
N SER A 331 -6.35 -11.09 -11.00
CA SER A 331 -6.56 -10.43 -9.70
C SER A 331 -6.92 -8.96 -9.91
N ARG A 332 -8.00 -8.52 -9.25
CA ARG A 332 -8.41 -7.10 -9.13
C ARG A 332 -7.79 -6.56 -7.83
N ILE A 333 -6.88 -5.58 -7.93
CA ILE A 333 -6.14 -4.98 -6.78
C ILE A 333 -6.99 -3.83 -6.25
N ILE A 334 -7.50 -3.94 -5.03
CA ILE A 334 -8.41 -2.93 -4.42
C ILE A 334 -7.71 -2.34 -3.20
N PRO A 335 -7.51 -1.00 -3.15
CA PRO A 335 -6.95 -0.35 -1.97
C PRO A 335 -7.95 -0.50 -0.80
N ALA A 336 -7.43 -0.91 0.37
CA ALA A 336 -8.20 -1.21 1.61
C ALA A 336 -9.05 -0.02 2.05
N ARG A 337 -8.73 1.20 1.57
CA ARG A 337 -9.58 2.42 1.71
C ARG A 337 -10.52 2.47 0.50
N ALA A 338 -11.47 1.52 0.42
CA ALA A 338 -12.43 1.31 -0.68
C ALA A 338 -13.41 2.49 -0.79
N ARG A 339 -13.43 3.17 -1.96
CA ARG A 339 -14.12 4.47 -2.19
C ARG A 339 -15.34 4.31 -3.09
N VAL A 340 -15.33 3.32 -4.00
CA VAL A 340 -16.50 2.96 -4.87
C VAL A 340 -16.59 1.43 -4.98
N GLU A 341 -17.79 0.91 -5.26
CA GLU A 341 -18.04 -0.54 -5.54
C GLU A 341 -17.20 -0.93 -6.75
N CYS A 342 -16.49 -2.06 -6.66
CA CYS A 342 -15.41 -2.47 -7.59
C CYS A 342 -15.65 -3.88 -8.15
N PHE A 343 -14.89 -4.27 -9.17
CA PHE A 343 -15.05 -5.58 -9.87
C PHE A 343 -14.81 -6.74 -8.89
N ASP A 344 -15.80 -7.65 -8.76
CA ASP A 344 -15.89 -8.68 -7.68
C ASP A 344 -15.55 -10.09 -8.18
N LYS A 345 -15.57 -10.35 -9.49
CA LYS A 345 -15.50 -11.73 -10.06
C LYS A 345 -14.06 -12.26 -10.09
N PHE A 346 -13.04 -11.49 -9.71
CA PHE A 346 -11.63 -11.99 -9.60
C PHE A 346 -11.27 -12.20 -8.12
N LYS A 347 -10.22 -13.00 -7.86
CA LYS A 347 -9.49 -13.00 -6.57
C LYS A 347 -8.99 -11.56 -6.36
N VAL A 348 -9.27 -10.96 -5.20
CA VAL A 348 -8.89 -9.56 -4.84
C VAL A 348 -7.51 -9.56 -4.14
N ASN A 349 -6.59 -8.73 -4.63
CA ASN A 349 -5.32 -8.28 -3.95
C ASN A 349 -4.25 -9.37 -4.00
N SER A 350 -4.34 -10.30 -4.95
CA SER A 350 -3.28 -11.28 -5.28
C SER A 350 -2.36 -10.66 -6.31
N THR A 351 -1.38 -9.90 -5.84
CA THR A 351 -0.38 -9.16 -6.65
C THR A 351 0.39 -10.08 -7.62
N LEU A 352 0.45 -11.39 -7.35
CA LEU A 352 1.39 -12.29 -8.07
C LEU A 352 0.68 -13.00 -9.22
N GLU A 353 -0.65 -12.83 -9.36
CA GLU A 353 -1.45 -13.45 -10.44
C GLU A 353 -0.90 -12.95 -11.80
N GLN A 354 -0.92 -13.80 -12.83
CA GLN A 354 -0.36 -13.47 -14.18
C GLN A 354 -1.00 -12.19 -14.75
N TYR A 355 -2.28 -11.96 -14.43
CA TYR A 355 -3.09 -10.80 -14.87
C TYR A 355 -3.56 -10.02 -13.64
N VAL A 356 -3.10 -8.77 -13.57
CA VAL A 356 -3.37 -7.83 -12.45
C VAL A 356 -4.07 -6.60 -13.01
N PHE A 357 -5.20 -6.24 -12.41
CA PHE A 357 -6.10 -5.15 -12.83
C PHE A 357 -6.19 -4.17 -11.67
N CYS A 358 -5.60 -2.99 -11.84
CA CYS A 358 -5.36 -2.01 -10.75
C CYS A 358 -5.38 -0.57 -11.28
N THR A 359 -6.05 0.32 -10.54
CA THR A 359 -5.99 1.79 -10.77
C THR A 359 -4.57 2.26 -10.48
N VAL A 360 -4.12 3.31 -11.18
CA VAL A 360 -2.75 3.88 -11.05
C VAL A 360 -2.41 4.15 -9.57
N ASN A 361 -3.33 4.73 -8.78
CA ASN A 361 -3.05 5.19 -7.39
C ASN A 361 -2.87 4.01 -6.44
N ALA A 362 -3.31 2.80 -6.82
CA ALA A 362 -3.27 1.58 -5.98
C ALA A 362 -2.13 0.64 -6.42
N LEU A 363 -1.45 0.95 -7.53
CA LEU A 363 -0.43 0.05 -8.13
C LEU A 363 0.57 -0.39 -7.07
N PRO A 364 0.94 -1.69 -7.05
CA PRO A 364 2.05 -2.16 -6.22
C PRO A 364 3.43 -1.99 -6.89
N GLU A 365 4.48 -2.18 -6.09
CA GLU A 365 5.89 -2.22 -6.55
C GLU A 365 6.09 -3.61 -7.16
N THR A 366 6.04 -3.71 -8.48
CA THR A 366 6.11 -5.02 -9.19
C THR A 366 6.77 -4.86 -10.56
N THR A 367 7.00 -6.00 -11.22
CA THR A 367 7.56 -6.11 -12.58
C THR A 367 6.50 -6.80 -13.47
N ALA A 368 6.69 -6.74 -14.79
CA ALA A 368 5.71 -7.24 -15.78
C ALA A 368 6.32 -7.30 -17.18
N ASP A 369 5.87 -8.26 -17.98
CA ASP A 369 6.36 -8.48 -19.37
C ASP A 369 5.72 -7.42 -20.27
N ILE A 370 4.44 -7.12 -20.01
CA ILE A 370 3.67 -6.01 -20.64
C ILE A 370 2.89 -5.28 -19.54
N VAL A 371 2.94 -3.95 -19.59
CA VAL A 371 1.98 -3.05 -18.88
C VAL A 371 1.07 -2.42 -19.96
N VAL A 372 -0.24 -2.53 -19.73
CA VAL A 372 -1.28 -1.85 -20.56
C VAL A 372 -1.90 -0.75 -19.71
N PHE A 373 -1.67 0.48 -20.13
CA PHE A 373 -2.28 1.71 -19.57
C PHE A 373 -3.39 2.13 -20.53
N ASP A 374 -4.63 2.05 -20.07
CA ASP A 374 -5.88 2.32 -20.83
C ASP A 374 -6.41 3.71 -20.45
N GLU A 375 -7.27 4.27 -21.31
CA GLU A 375 -7.96 5.59 -21.14
C GLU A 375 -6.89 6.67 -20.96
N ILE A 376 -5.98 6.75 -21.92
CA ILE A 376 -4.74 7.54 -21.75
C ILE A 376 -5.08 9.02 -21.83
N SER A 377 -6.16 9.43 -22.50
CA SER A 377 -6.53 10.87 -22.53
C SER A 377 -6.83 11.35 -21.11
N MET A 378 -7.31 10.47 -20.22
CA MET A 378 -7.68 10.79 -18.82
C MET A 378 -6.44 10.91 -17.90
N ALA A 379 -5.28 10.40 -18.30
CA ALA A 379 -4.06 10.39 -17.46
C ALA A 379 -3.40 11.78 -17.48
N THR A 380 -2.81 12.17 -16.34
CA THR A 380 -1.92 13.35 -16.18
C THR A 380 -0.48 12.87 -16.33
N ASN A 381 0.48 13.80 -16.47
CA ASN A 381 1.93 13.44 -16.49
C ASN A 381 2.34 12.88 -15.13
N TYR A 382 1.70 13.33 -14.05
CA TYR A 382 1.89 12.73 -12.70
C TYR A 382 1.60 11.21 -12.76
N ASP A 383 0.48 10.80 -13.33
CA ASP A 383 0.06 9.37 -13.44
C ASP A 383 1.02 8.60 -14.34
N LEU A 384 1.43 9.18 -15.46
CA LEU A 384 2.42 8.56 -16.39
C LEU A 384 3.71 8.21 -15.65
N SER A 385 4.18 9.12 -14.78
CA SER A 385 5.42 8.96 -13.98
C SER A 385 5.23 7.87 -12.92
N VAL A 386 4.12 7.89 -12.19
CA VAL A 386 3.86 6.94 -11.06
C VAL A 386 3.90 5.52 -11.62
N VAL A 387 3.31 5.34 -12.80
CA VAL A 387 3.22 4.01 -13.45
C VAL A 387 4.66 3.54 -13.69
N ASN A 388 5.48 4.37 -14.34
CA ASN A 388 6.90 4.07 -14.67
C ASN A 388 7.70 3.82 -13.37
N ALA A 389 7.31 4.48 -12.27
CA ALA A 389 7.89 4.31 -10.91
C ALA A 389 7.55 2.94 -10.33
N ARG A 390 6.28 2.53 -10.34
CA ARG A 390 5.81 1.32 -9.61
C ARG A 390 5.99 0.03 -10.44
N LEU A 391 6.05 0.12 -11.77
CA LEU A 391 6.06 -1.04 -12.68
C LEU A 391 7.32 -1.00 -13.56
N ARG A 392 8.22 -1.96 -13.35
CA ARG A 392 9.38 -2.22 -14.23
C ARG A 392 8.95 -3.30 -15.23
N ALA A 393 8.87 -2.96 -16.53
CA ALA A 393 8.23 -3.79 -17.57
C ALA A 393 9.09 -3.88 -18.85
N LYS A 394 8.94 -4.98 -19.59
CA LYS A 394 9.68 -5.19 -20.86
C LYS A 394 9.04 -4.31 -21.94
N HIS A 395 7.70 -4.21 -21.90
CA HIS A 395 6.86 -3.42 -22.86
C HIS A 395 5.73 -2.66 -22.15
N TYR A 396 5.56 -1.40 -22.53
CA TYR A 396 4.51 -0.46 -22.05
C TYR A 396 3.57 -0.14 -23.23
N VAL A 397 2.26 -0.39 -23.08
CA VAL A 397 1.26 -0.04 -24.13
C VAL A 397 0.35 1.03 -23.57
N TYR A 398 0.21 2.12 -24.30
CA TYR A 398 -0.69 3.27 -23.99
C TYR A 398 -1.85 3.24 -24.97
N ILE A 399 -3.03 2.96 -24.42
CA ILE A 399 -4.32 2.86 -25.16
C ILE A 399 -5.23 4.02 -24.73
N GLY A 400 -5.71 4.76 -25.71
CA GLY A 400 -6.81 5.71 -25.51
C GLY A 400 -7.06 6.47 -26.79
N ASP A 401 -7.46 7.73 -26.67
CA ASP A 401 -7.85 8.55 -27.83
C ASP A 401 -7.73 10.01 -27.39
N PRO A 402 -6.83 10.80 -28.02
CA PRO A 402 -6.71 12.21 -27.69
C PRO A 402 -7.92 13.03 -28.20
N ALA A 403 -8.83 12.40 -28.94
CA ALA A 403 -10.08 13.07 -29.39
C ALA A 403 -11.16 12.88 -28.33
N GLN A 404 -10.86 12.13 -27.27
CA GLN A 404 -11.78 12.00 -26.13
C GLN A 404 -11.31 12.90 -24.99
N LEU A 405 -11.95 12.75 -23.82
CA LEU A 405 -11.90 13.78 -22.76
C LEU A 405 -10.65 13.62 -21.89
N PRO A 406 -10.03 14.76 -21.52
CA PRO A 406 -8.91 14.76 -20.60
C PRO A 406 -9.36 14.79 -19.13
N ALA A 407 -8.43 14.56 -18.20
CA ALA A 407 -8.68 14.71 -16.74
C ALA A 407 -9.02 16.17 -16.46
N PRO A 408 -10.01 16.44 -15.60
CA PRO A 408 -10.38 17.82 -15.30
C PRO A 408 -9.16 18.49 -14.65
N ARG A 409 -8.78 19.67 -15.15
CA ARG A 409 -7.75 20.56 -14.54
C ARG A 409 -8.46 21.62 -13.67
N THR A 410 -8.71 21.30 -12.41
CA THR A 410 -9.51 22.13 -11.47
C THR A 410 -8.97 23.57 -11.39
N LEU A 411 -7.66 23.81 -11.54
CA LEU A 411 -7.10 25.19 -11.40
C LEU A 411 -7.23 25.99 -12.71
N LEU A 412 -7.30 25.31 -13.86
CA LEU A 412 -7.34 25.93 -15.22
C LEU A 412 -8.69 26.60 -15.44
N THR A 413 -8.70 27.92 -15.59
CA THR A 413 -9.92 28.73 -15.82
C THR A 413 -9.73 29.66 -17.02
N LYS A 414 -8.51 29.78 -17.56
CA LYS A 414 -8.20 30.73 -18.66
C LYS A 414 -7.53 29.99 -19.82
N GLY A 415 -8.21 29.86 -20.95
CA GLY A 415 -7.66 29.19 -22.15
C GLY A 415 -8.10 27.73 -22.16
N THR A 416 -8.10 27.14 -23.35
CA THR A 416 -8.55 25.74 -23.55
C THR A 416 -7.29 24.89 -23.74
N LEU A 417 -7.25 23.76 -23.05
CA LEU A 417 -6.16 22.77 -23.15
C LEU A 417 -6.39 21.89 -24.37
N GLU A 418 -5.58 22.03 -25.42
CA GLU A 418 -5.66 21.17 -26.62
C GLU A 418 -5.20 19.75 -26.27
N PRO A 419 -5.66 18.72 -27.03
CA PRO A 419 -5.26 17.32 -26.83
C PRO A 419 -3.76 17.00 -26.84
N GLU A 420 -2.96 17.72 -27.65
CA GLU A 420 -1.48 17.59 -27.67
C GLU A 420 -0.85 18.01 -26.33
N TYR A 421 -1.59 18.57 -25.39
CA TYR A 421 -1.06 18.99 -24.08
C TYR A 421 -1.71 18.23 -22.90
N PHE A 422 -2.48 17.16 -23.17
CA PHE A 422 -3.16 16.36 -22.12
C PHE A 422 -2.11 15.65 -21.29
N ASN A 423 -1.14 15.03 -21.96
CA ASN A 423 0.00 14.31 -21.32
C ASN A 423 0.99 14.00 -22.41
N SER A 424 2.10 13.33 -22.05
CA SER A 424 3.23 13.01 -22.97
C SER A 424 2.75 12.07 -24.09
N VAL A 425 1.92 11.08 -23.73
CA VAL A 425 1.36 10.08 -24.69
C VAL A 425 0.50 10.81 -25.73
N CYS A 426 -0.45 11.62 -25.29
CA CYS A 426 -1.35 12.36 -26.22
C CYS A 426 -0.54 13.33 -27.08
N ARG A 427 0.51 13.94 -26.53
CA ARG A 427 1.41 14.83 -27.29
C ARG A 427 2.07 14.03 -28.42
N LEU A 428 2.57 12.83 -28.14
CA LEU A 428 3.11 11.95 -29.20
C LEU A 428 1.99 11.66 -30.20
N MET A 429 0.82 11.19 -29.74
CA MET A 429 -0.29 10.78 -30.64
C MET A 429 -0.76 11.95 -31.52
N LYS A 430 -0.49 13.20 -31.16
CA LYS A 430 -1.01 14.36 -31.92
C LYS A 430 0.06 14.95 -32.82
N THR A 431 1.33 14.58 -32.61
CA THR A 431 2.50 15.18 -33.34
C THR A 431 3.08 14.15 -34.32
N ILE A 432 3.69 13.07 -33.83
CA ILE A 432 4.30 11.99 -34.67
C ILE A 432 3.25 10.91 -34.96
N GLY A 433 2.04 11.06 -34.40
CA GLY A 433 0.94 10.09 -34.60
C GLY A 433 1.07 8.85 -33.72
N PRO A 434 -0.01 8.05 -33.59
CA PRO A 434 0.01 6.86 -32.75
C PRO A 434 0.79 5.77 -33.51
N ASP A 435 1.32 4.79 -32.79
CA ASP A 435 2.02 3.63 -33.41
C ASP A 435 0.99 2.79 -34.17
N MET A 436 -0.20 2.67 -33.57
CA MET A 436 -1.28 1.81 -34.07
C MET A 436 -2.58 2.60 -33.97
N PHE A 437 -3.46 2.46 -34.95
CA PHE A 437 -4.78 3.14 -35.00
C PHE A 437 -5.84 2.11 -35.36
N LEU A 438 -6.84 1.88 -34.49
CA LEU A 438 -8.06 1.09 -34.82
C LEU A 438 -9.02 1.99 -35.62
N GLY A 439 -9.23 1.72 -36.90
CA GLY A 439 -9.85 2.66 -37.87
C GLY A 439 -11.32 2.38 -38.14
N THR A 440 -11.91 1.32 -37.58
CA THR A 440 -13.31 0.93 -37.87
C THR A 440 -14.13 0.93 -36.57
N CYS A 441 -15.08 1.85 -36.48
CA CYS A 441 -16.08 1.93 -35.38
C CYS A 441 -17.17 0.88 -35.60
N ARG A 442 -17.30 -0.11 -34.71
CA ARG A 442 -18.31 -1.19 -34.82
C ARG A 442 -19.54 -0.89 -33.93
N ARG A 443 -19.56 0.24 -33.24
CA ARG A 443 -20.65 0.57 -32.27
C ARG A 443 -21.71 1.44 -32.93
N CYS A 444 -21.30 2.49 -33.64
CA CYS A 444 -22.16 3.68 -33.87
C CYS A 444 -22.82 3.60 -35.24
N PRO A 445 -24.08 4.05 -35.35
CA PRO A 445 -24.71 4.24 -36.64
C PRO A 445 -23.80 5.11 -37.52
N ALA A 446 -23.69 4.78 -38.80
CA ALA A 446 -22.83 5.52 -39.76
C ALA A 446 -22.98 7.05 -39.63
N GLU A 447 -24.18 7.57 -39.36
CA GLU A 447 -24.43 9.04 -39.23
C GLU A 447 -23.48 9.62 -38.18
N ILE A 448 -23.29 8.91 -37.09
CA ILE A 448 -22.43 9.38 -35.96
C ILE A 448 -20.96 9.18 -36.32
N VAL A 449 -20.60 8.04 -36.90
CA VAL A 449 -19.20 7.76 -37.34
C VAL A 449 -18.78 8.82 -38.37
N ASP A 450 -19.61 9.11 -39.38
CA ASP A 450 -19.28 10.11 -40.42
C ASP A 450 -19.03 11.47 -39.76
N THR A 451 -19.85 11.83 -38.76
CA THR A 451 -19.81 13.17 -38.13
C THR A 451 -18.49 13.35 -37.37
N VAL A 452 -18.16 12.39 -36.49
CA VAL A 452 -16.95 12.48 -35.65
C VAL A 452 -15.72 12.25 -36.55
N SER A 453 -15.79 11.37 -37.55
CA SER A 453 -14.65 11.08 -38.47
C SER A 453 -14.18 12.40 -39.07
N ALA A 454 -15.09 13.22 -39.57
CA ALA A 454 -14.74 14.53 -40.16
C ALA A 454 -14.29 15.53 -39.07
N LEU A 455 -14.87 15.48 -37.87
CA LEU A 455 -14.67 16.50 -36.78
C LEU A 455 -13.30 16.34 -36.10
N VAL A 456 -12.90 15.12 -35.72
CA VAL A 456 -11.71 14.93 -34.84
C VAL A 456 -10.75 13.87 -35.37
N TYR A 457 -11.09 13.10 -36.40
CA TYR A 457 -10.26 11.95 -36.86
C TYR A 457 -9.80 12.10 -38.32
N ASP A 458 -9.80 13.32 -38.86
CA ASP A 458 -9.34 13.63 -40.24
C ASP A 458 -9.88 12.58 -41.21
N ASN A 459 -11.17 12.28 -41.14
CA ASN A 459 -11.84 11.38 -42.10
C ASN A 459 -11.16 10.02 -42.15
N LYS A 460 -10.50 9.59 -41.08
CA LYS A 460 -9.81 8.26 -41.03
C LYS A 460 -10.63 7.24 -40.25
N LEU A 461 -11.70 7.63 -39.56
CA LEU A 461 -12.57 6.66 -38.83
C LEU A 461 -13.64 6.17 -39.80
N LYS A 462 -13.81 4.86 -39.93
CA LYS A 462 -14.75 4.24 -40.88
C LYS A 462 -15.88 3.59 -40.08
N ALA A 463 -17.07 3.58 -40.68
CA ALA A 463 -18.32 3.03 -40.08
C ALA A 463 -18.45 1.57 -40.52
N HIS A 464 -18.42 0.64 -39.58
CA HIS A 464 -18.84 -0.76 -39.85
C HIS A 464 -20.36 -0.85 -40.02
N LYS A 465 -21.14 -0.17 -39.17
CA LYS A 465 -22.63 -0.23 -39.20
C LYS A 465 -23.13 0.65 -40.33
N ASP A 466 -24.34 0.33 -40.81
CA ASP A 466 -25.12 1.16 -41.78
C ASP A 466 -25.59 2.41 -41.03
N LYS A 467 -26.09 3.43 -41.75
CA LYS A 467 -26.94 4.50 -41.14
C LYS A 467 -28.15 3.86 -40.44
N SER A 468 -28.44 4.22 -39.19
CA SER A 468 -29.57 3.68 -38.40
C SER A 468 -30.90 4.30 -38.88
N ALA A 469 -30.83 5.49 -39.47
CA ALA A 469 -31.96 6.42 -39.70
C ALA A 469 -32.71 6.74 -38.40
N GLN A 470 -32.04 6.66 -37.25
CA GLN A 470 -32.57 7.02 -35.91
C GLN A 470 -31.71 8.11 -35.25
N CYS A 471 -30.96 8.86 -36.05
CA CYS A 471 -30.08 9.97 -35.57
C CYS A 471 -30.72 11.27 -36.02
N PHE A 472 -31.24 12.01 -35.06
CA PHE A 472 -31.99 13.27 -35.27
C PHE A 472 -31.25 14.41 -34.57
N LYS A 473 -31.38 15.61 -35.12
CA LYS A 473 -30.79 16.84 -34.57
C LYS A 473 -31.90 17.87 -34.56
N MET A 474 -31.92 18.75 -33.57
CA MET A 474 -32.89 19.86 -33.56
C MET A 474 -32.13 21.06 -33.03
N PHE A 475 -32.18 22.15 -33.75
CA PHE A 475 -31.58 23.44 -33.33
C PHE A 475 -32.62 24.11 -32.44
N TYR A 476 -32.35 24.24 -31.14
CA TYR A 476 -33.30 24.82 -30.16
C TYR A 476 -32.53 25.41 -28.98
N LYS A 477 -32.27 26.71 -29.02
CA LYS A 477 -31.45 27.40 -27.98
C LYS A 477 -32.21 27.44 -26.64
N GLY A 478 -33.54 27.48 -26.65
CA GLY A 478 -34.31 27.41 -25.40
C GLY A 478 -33.99 28.60 -24.53
N VAL A 479 -33.74 28.35 -23.24
CA VAL A 479 -33.58 29.40 -22.18
C VAL A 479 -32.64 28.81 -21.14
N ILE A 480 -31.61 29.56 -20.77
CA ILE A 480 -30.53 29.00 -19.94
C ILE A 480 -30.62 29.65 -18.57
N THR A 481 -30.92 28.80 -17.60
CA THR A 481 -30.94 29.13 -16.17
C THR A 481 -29.70 28.44 -15.63
N HIS A 482 -29.26 28.84 -14.44
CA HIS A 482 -28.03 28.36 -13.79
C HIS A 482 -28.32 28.02 -12.34
N ASP A 483 -27.81 26.87 -11.89
CA ASP A 483 -27.69 26.50 -10.46
C ASP A 483 -26.26 26.85 -10.05
N VAL A 484 -26.06 28.09 -9.61
CA VAL A 484 -24.71 28.68 -9.42
C VAL A 484 -24.14 28.89 -10.83
N SER A 485 -23.26 27.99 -11.28
CA SER A 485 -22.55 28.04 -12.60
C SER A 485 -22.93 26.84 -13.49
N SER A 486 -23.44 25.74 -12.91
CA SER A 486 -23.96 24.58 -13.68
C SER A 486 -25.24 25.05 -14.40
N ALA A 487 -25.38 24.69 -15.68
CA ALA A 487 -26.42 25.24 -16.58
C ALA A 487 -27.64 24.33 -16.65
N ILE A 488 -28.81 24.92 -16.89
CA ILE A 488 -30.09 24.20 -17.05
C ILE A 488 -30.77 24.83 -18.27
N ASN A 489 -31.42 24.01 -19.07
CA ASN A 489 -32.24 24.49 -20.21
C ASN A 489 -33.56 23.71 -20.15
N ARG A 490 -34.55 24.24 -19.43
CA ARG A 490 -35.85 23.56 -19.24
C ARG A 490 -36.52 23.39 -20.60
N PRO A 491 -36.59 24.43 -21.46
CA PRO A 491 -37.19 24.25 -22.77
C PRO A 491 -36.53 23.12 -23.61
N GLN A 492 -35.23 22.89 -23.49
CA GLN A 492 -34.58 21.75 -24.18
C GLN A 492 -35.11 20.43 -23.60
N ILE A 493 -35.33 20.36 -22.29
CA ILE A 493 -35.92 19.14 -21.66
C ILE A 493 -37.39 19.02 -22.09
N GLY A 494 -38.04 20.15 -22.37
CA GLY A 494 -39.45 20.18 -22.79
C GLY A 494 -39.62 19.60 -24.17
N VAL A 495 -38.78 20.03 -25.11
CA VAL A 495 -38.67 19.44 -26.49
C VAL A 495 -38.43 17.92 -26.41
N VAL A 496 -37.60 17.43 -25.48
CA VAL A 496 -37.31 15.97 -25.31
C VAL A 496 -38.60 15.28 -24.87
N ARG A 497 -39.28 15.84 -23.86
CA ARG A 497 -40.56 15.33 -23.36
C ARG A 497 -41.54 15.19 -24.56
N GLU A 498 -41.69 16.23 -25.39
CA GLU A 498 -42.59 16.21 -26.56
C GLU A 498 -42.19 15.02 -27.44
N PHE A 499 -40.92 14.96 -27.81
CA PHE A 499 -40.35 13.92 -28.71
C PHE A 499 -40.65 12.51 -28.17
N LEU A 500 -40.52 12.30 -26.86
CA LEU A 500 -40.67 10.96 -26.23
C LEU A 500 -42.11 10.45 -26.37
N THR A 501 -43.11 11.32 -26.26
CA THR A 501 -44.54 10.93 -26.38
C THR A 501 -44.77 10.38 -27.79
N ARG A 502 -44.03 10.88 -28.78
CA ARG A 502 -44.19 10.55 -30.23
C ARG A 502 -43.24 9.41 -30.63
N ASN A 503 -42.24 9.11 -29.83
CA ASN A 503 -41.14 8.19 -30.23
C ASN A 503 -40.90 7.19 -29.10
N PRO A 504 -41.91 6.39 -28.69
CA PRO A 504 -41.83 5.63 -27.44
C PRO A 504 -40.70 4.60 -27.38
N ALA A 505 -40.03 4.32 -28.50
CA ALA A 505 -38.86 3.42 -28.55
C ALA A 505 -37.70 4.00 -27.74
N TRP A 506 -37.75 5.32 -27.50
CA TRP A 506 -36.67 6.10 -26.84
C TRP A 506 -36.91 6.17 -25.33
N ARG A 507 -37.92 5.46 -24.82
CA ARG A 507 -38.27 5.41 -23.38
C ARG A 507 -37.10 4.82 -22.61
N LYS A 508 -36.34 3.94 -23.27
CA LYS A 508 -35.18 3.22 -22.71
C LYS A 508 -33.91 4.10 -22.77
N ALA A 509 -33.96 5.28 -23.38
CA ALA A 509 -32.79 6.12 -23.74
C ALA A 509 -32.11 6.67 -22.48
N VAL A 510 -30.80 6.82 -22.55
CA VAL A 510 -29.95 7.53 -21.55
C VAL A 510 -29.92 9.00 -21.94
N PHE A 511 -30.27 9.87 -21.00
CA PHE A 511 -30.22 11.35 -21.13
C PHE A 511 -28.82 11.85 -20.78
N ILE A 512 -28.20 12.63 -21.66
CA ILE A 512 -26.79 13.09 -21.57
C ILE A 512 -26.74 14.59 -21.83
N SER A 513 -25.95 15.31 -21.04
CA SER A 513 -25.75 16.77 -21.22
C SER A 513 -24.40 17.11 -20.62
N PRO A 514 -23.82 18.26 -20.97
CA PRO A 514 -22.52 18.62 -20.42
C PRO A 514 -22.58 19.12 -18.96
N TYR A 515 -23.77 19.13 -18.32
CA TYR A 515 -24.04 19.72 -16.97
C TYR A 515 -24.94 18.84 -16.09
N ASN A 516 -24.52 18.60 -14.85
CA ASN A 516 -25.24 17.75 -13.87
C ASN A 516 -26.58 18.42 -13.50
N SER A 517 -26.61 19.74 -13.47
CA SER A 517 -27.82 20.46 -13.03
C SER A 517 -28.92 20.23 -14.07
N GLN A 518 -28.57 20.25 -15.37
CA GLN A 518 -29.50 19.93 -16.49
C GLN A 518 -29.96 18.49 -16.33
N ASN A 519 -29.03 17.58 -16.01
CA ASN A 519 -29.30 16.14 -15.83
C ASN A 519 -30.26 15.97 -14.65
N ALA A 520 -30.12 16.77 -13.59
CA ALA A 520 -30.93 16.67 -12.35
C ALA A 520 -32.37 16.99 -12.70
N VAL A 521 -32.56 18.09 -13.42
CA VAL A 521 -33.89 18.54 -13.94
C VAL A 521 -34.47 17.48 -14.88
N ALA A 522 -33.66 16.92 -15.78
CA ALA A 522 -34.08 15.95 -16.82
C ALA A 522 -34.41 14.61 -16.15
N SER A 523 -33.85 14.37 -14.98
CA SER A 523 -34.15 13.15 -14.18
C SER A 523 -35.58 13.25 -13.62
N LYS A 524 -35.98 14.41 -13.08
CA LYS A 524 -37.34 14.64 -12.53
C LYS A 524 -38.38 14.69 -13.67
N ILE A 525 -38.15 15.45 -14.74
CA ILE A 525 -39.21 15.64 -15.78
C ILE A 525 -39.34 14.38 -16.65
N LEU A 526 -38.22 13.77 -17.06
CA LEU A 526 -38.22 12.69 -18.09
C LEU A 526 -38.22 11.32 -17.42
N GLY A 527 -37.52 11.17 -16.30
CA GLY A 527 -37.36 9.89 -15.59
C GLY A 527 -36.34 8.98 -16.26
N LEU A 528 -35.64 9.44 -17.31
CA LEU A 528 -34.57 8.67 -18.00
C LEU A 528 -33.37 8.56 -17.07
N PRO A 529 -32.57 7.48 -17.15
CA PRO A 529 -31.25 7.48 -16.51
C PRO A 529 -30.44 8.63 -17.11
N THR A 530 -29.64 9.27 -16.26
CA THR A 530 -28.95 10.56 -16.50
C THR A 530 -27.43 10.33 -16.46
N GLN A 531 -26.71 11.05 -17.29
CA GLN A 531 -25.25 10.95 -17.40
C GLN A 531 -24.71 12.27 -17.93
N THR A 532 -23.63 12.79 -17.35
CA THR A 532 -22.85 13.90 -17.96
C THR A 532 -22.07 13.30 -19.11
N VAL A 533 -21.61 14.11 -20.05
CA VAL A 533 -20.73 13.62 -21.16
C VAL A 533 -19.51 12.95 -20.55
N ASP A 534 -18.87 13.60 -19.58
CA ASP A 534 -17.59 13.17 -18.95
C ASP A 534 -17.80 11.81 -18.24
N SER A 535 -18.91 11.62 -17.55
CA SER A 535 -19.18 10.32 -16.86
C SER A 535 -19.65 9.25 -17.87
N SER A 536 -20.08 9.62 -19.07
CA SER A 536 -20.55 8.67 -20.10
C SER A 536 -19.39 7.96 -20.79
N GLN A 537 -18.19 8.56 -20.77
CA GLN A 537 -16.99 8.11 -21.55
C GLN A 537 -16.65 6.66 -21.19
N GLY A 538 -16.51 5.81 -22.21
CA GLY A 538 -16.23 4.36 -22.09
C GLY A 538 -17.49 3.49 -22.05
N SER A 539 -18.68 4.10 -21.99
CA SER A 539 -19.99 3.41 -21.93
C SER A 539 -20.71 3.56 -23.26
N GLU A 540 -21.60 2.62 -23.56
CA GLU A 540 -22.47 2.65 -24.76
C GLU A 540 -23.89 2.31 -24.33
N TYR A 541 -24.85 2.94 -25.01
CA TYR A 541 -26.30 2.84 -24.78
C TYR A 541 -26.97 2.78 -26.15
N ASP A 542 -27.96 1.91 -26.31
CA ASP A 542 -28.73 1.74 -27.58
C ASP A 542 -29.18 3.12 -28.07
N TYR A 543 -29.75 3.91 -27.17
CA TYR A 543 -30.34 5.23 -27.52
C TYR A 543 -29.82 6.28 -26.54
N VAL A 544 -29.53 7.44 -27.08
CA VAL A 544 -28.93 8.56 -26.33
C VAL A 544 -29.80 9.77 -26.65
N ILE A 545 -30.22 10.53 -25.63
CA ILE A 545 -30.74 11.90 -25.84
C ILE A 545 -29.71 12.85 -25.25
N PHE A 546 -29.24 13.79 -26.07
CA PHE A 546 -28.24 14.83 -25.71
C PHE A 546 -28.87 16.21 -25.86
N THR A 547 -28.95 16.98 -24.78
CA THR A 547 -29.26 18.44 -24.80
C THR A 547 -27.97 19.17 -24.54
N GLN A 548 -27.50 19.95 -25.51
CA GLN A 548 -26.22 20.70 -25.39
C GLN A 548 -26.31 21.71 -24.24
N THR A 549 -27.53 22.12 -23.92
CA THR A 549 -27.87 23.01 -22.77
C THR A 549 -27.45 24.45 -23.06
N THR A 550 -26.17 24.71 -23.31
CA THR A 550 -25.64 26.10 -23.50
C THR A 550 -24.76 26.14 -24.74
N GLU A 551 -24.43 27.34 -25.20
CA GLU A 551 -23.28 27.65 -26.08
C GLU A 551 -22.22 28.27 -25.17
N THR A 552 -21.35 27.42 -24.65
CA THR A 552 -20.10 27.80 -23.95
C THR A 552 -18.95 26.98 -24.57
N ALA A 553 -17.72 27.26 -24.17
CA ALA A 553 -16.53 26.52 -24.61
C ALA A 553 -16.59 25.10 -24.04
N HIS A 554 -17.24 24.93 -22.90
CA HIS A 554 -17.43 23.61 -22.23
C HIS A 554 -18.33 22.72 -23.12
N SER A 555 -19.47 23.25 -23.57
CA SER A 555 -20.52 22.48 -24.27
C SER A 555 -20.22 22.37 -25.76
N CYS A 556 -19.33 23.21 -26.29
CA CYS A 556 -18.92 23.17 -27.72
C CYS A 556 -17.58 22.50 -27.89
N ASN A 557 -16.95 22.05 -26.81
CA ASN A 557 -15.64 21.39 -26.90
C ASN A 557 -15.83 20.17 -27.81
N VAL A 558 -15.06 20.10 -28.90
CA VAL A 558 -15.23 19.03 -29.92
C VAL A 558 -14.90 17.67 -29.30
N ASN A 559 -14.00 17.61 -28.31
CA ASN A 559 -13.69 16.31 -27.67
C ASN A 559 -14.92 15.84 -26.89
N ARG A 560 -15.58 16.73 -26.14
CA ARG A 560 -16.77 16.42 -25.32
C ARG A 560 -17.90 16.03 -26.28
N PHE A 561 -18.10 16.82 -27.33
CA PHE A 561 -19.10 16.52 -28.38
C PHE A 561 -18.88 15.12 -28.98
N ASN A 562 -17.64 14.81 -29.36
CA ASN A 562 -17.23 13.49 -29.89
C ASN A 562 -17.72 12.42 -28.91
N VAL A 563 -17.36 12.51 -27.63
CA VAL A 563 -17.74 11.47 -26.62
C VAL A 563 -19.26 11.41 -26.48
N ALA A 564 -19.94 12.56 -26.49
CA ALA A 564 -21.41 12.63 -26.27
C ALA A 564 -22.13 11.73 -27.28
N ILE A 565 -21.87 11.94 -28.58
CA ILE A 565 -22.68 11.37 -29.68
C ILE A 565 -22.22 9.95 -30.02
N THR A 566 -21.00 9.55 -29.64
CA THR A 566 -20.44 8.20 -29.88
C THR A 566 -20.78 7.25 -28.72
N ARG A 567 -21.65 7.64 -27.79
CA ARG A 567 -22.14 6.68 -26.77
C ARG A 567 -23.23 5.77 -27.40
N ALA A 568 -23.84 6.16 -28.52
CA ALA A 568 -25.09 5.57 -29.05
C ALA A 568 -24.78 4.40 -29.98
N LYS A 569 -25.50 3.28 -29.80
CA LYS A 569 -25.37 2.07 -30.66
C LYS A 569 -26.39 2.13 -31.80
N VAL A 570 -27.57 2.70 -31.55
CA VAL A 570 -28.75 2.62 -32.48
C VAL A 570 -29.26 4.01 -32.83
N GLY A 571 -29.67 4.79 -31.85
CA GLY A 571 -30.21 6.12 -32.15
C GLY A 571 -29.66 7.20 -31.22
N ILE A 572 -29.68 8.44 -31.70
CA ILE A 572 -29.37 9.65 -30.91
C ILE A 572 -30.29 10.78 -31.34
N LEU A 573 -30.72 11.56 -30.35
CA LEU A 573 -31.39 12.87 -30.50
C LEU A 573 -30.47 13.91 -29.85
N CYS A 574 -30.13 14.95 -30.62
CA CYS A 574 -29.26 16.05 -30.22
C CYS A 574 -30.07 17.31 -30.35
N ILE A 575 -30.47 17.87 -29.22
CA ILE A 575 -31.03 19.23 -29.12
C ILE A 575 -29.81 20.14 -28.96
N MET A 576 -29.56 20.99 -29.95
CA MET A 576 -28.30 21.77 -30.12
C MET A 576 -28.53 23.26 -29.89
N SER A 577 -27.50 23.92 -29.33
CA SER A 577 -27.46 25.40 -29.11
C SER A 577 -26.45 26.06 -30.07
N ASP A 578 -25.44 25.30 -30.48
CA ASP A 578 -24.31 25.76 -31.33
C ASP A 578 -24.62 25.46 -32.80
N ARG A 579 -24.68 26.51 -33.64
CA ARG A 579 -25.02 26.41 -35.09
C ARG A 579 -23.99 25.50 -35.77
N ASP A 580 -22.72 25.79 -35.54
CA ASP A 580 -21.58 25.05 -36.12
C ASP A 580 -21.80 23.56 -35.89
N LEU A 581 -21.83 23.12 -34.62
CA LEU A 581 -21.92 21.68 -34.29
C LEU A 581 -23.23 21.10 -34.80
N TYR A 582 -24.32 21.86 -34.73
CA TYR A 582 -25.63 21.44 -35.30
C TYR A 582 -25.46 21.12 -36.79
N ASP A 583 -24.93 22.09 -37.57
CA ASP A 583 -24.77 21.94 -39.04
C ASP A 583 -23.88 20.73 -39.35
N LYS A 584 -22.78 20.53 -38.62
CA LYS A 584 -21.83 19.39 -38.83
C LYS A 584 -22.51 18.04 -38.59
N LEU A 585 -23.49 17.94 -37.69
CA LEU A 585 -24.16 16.65 -37.39
C LEU A 585 -24.81 16.14 -38.69
N GLN A 586 -24.36 15.00 -39.18
CA GLN A 586 -24.90 14.38 -40.41
C GLN A 586 -26.11 13.56 -40.00
N PHE A 587 -27.11 14.24 -39.42
CA PHE A 587 -28.32 13.60 -38.84
C PHE A 587 -29.52 14.21 -39.56
N THR A 588 -30.63 13.47 -39.56
CA THR A 588 -31.96 13.96 -39.97
C THR A 588 -32.41 15.07 -39.01
N SER A 589 -32.65 16.28 -39.53
CA SER A 589 -33.11 17.43 -38.73
C SER A 589 -34.61 17.30 -38.49
N LEU A 590 -35.07 17.63 -37.28
CA LEU A 590 -36.51 17.70 -36.91
C LEU A 590 -36.98 19.17 -36.84
N GLU A 591 -38.30 19.42 -36.86
CA GLU A 591 -38.92 20.77 -36.77
C GLU A 591 -39.39 21.06 -35.33
N ILE A 592 -40.03 22.22 -35.13
CA ILE A 592 -40.59 22.76 -33.84
C ILE A 592 -39.40 23.27 -33.02
N VAL B 2 9.07 -19.28 -15.32
CA VAL B 2 10.48 -19.83 -15.31
C VAL B 2 11.30 -19.06 -14.27
N GLY B 3 12.33 -19.70 -13.70
CA GLY B 3 13.16 -19.14 -12.61
C GLY B 3 14.11 -20.17 -12.03
N ALA B 4 14.50 -19.99 -10.77
CA ALA B 4 15.66 -20.66 -10.12
C ALA B 4 15.19 -21.70 -9.11
N CYS B 5 15.85 -22.86 -9.10
CA CYS B 5 15.59 -23.97 -8.14
C CYS B 5 15.84 -23.47 -6.72
N VAL B 6 15.05 -23.92 -5.74
CA VAL B 6 15.22 -23.57 -4.30
C VAL B 6 16.21 -24.54 -3.63
N LEU B 7 16.81 -25.50 -4.34
CA LEU B 7 17.74 -26.49 -3.71
C LEU B 7 19.13 -26.49 -4.35
N CYS B 8 19.25 -26.22 -5.65
CA CYS B 8 20.55 -26.15 -6.39
C CYS B 8 20.71 -24.79 -7.09
N ASN B 9 19.62 -24.02 -7.18
CA ASN B 9 19.54 -22.75 -7.95
C ASN B 9 19.54 -23.02 -9.44
N SER B 10 19.88 -24.24 -9.87
CA SER B 10 19.79 -24.65 -11.30
C SER B 10 18.61 -23.93 -11.94
N GLN B 11 18.84 -23.24 -13.06
CA GLN B 11 17.77 -22.69 -13.93
C GLN B 11 16.69 -23.77 -14.05
N THR B 12 15.40 -23.41 -14.09
CA THR B 12 14.32 -24.40 -14.35
C THR B 12 13.01 -23.76 -14.82
N SER B 13 12.20 -24.58 -15.50
CA SER B 13 10.84 -24.26 -15.98
C SER B 13 9.79 -24.91 -15.08
N LEU B 14 10.22 -25.67 -14.06
CA LEU B 14 9.33 -26.51 -13.22
C LEU B 14 9.09 -25.84 -11.86
N ARG B 15 7.80 -25.68 -11.50
CA ARG B 15 7.28 -25.30 -10.16
C ARG B 15 6.38 -26.43 -9.63
N CYS B 16 6.65 -26.95 -8.41
CA CYS B 16 5.77 -27.92 -7.68
C CYS B 16 4.41 -27.26 -7.37
N GLY B 17 3.35 -27.75 -8.02
CA GLY B 17 1.99 -27.18 -7.89
C GLY B 17 1.29 -27.69 -6.64
N ALA B 18 1.87 -28.65 -5.91
CA ALA B 18 1.28 -29.24 -4.68
C ALA B 18 1.77 -28.45 -3.46
N CYS B 19 3.00 -27.93 -3.51
CA CYS B 19 3.53 -26.91 -2.56
C CYS B 19 2.68 -25.64 -2.60
N ILE B 20 2.35 -25.07 -1.44
CA ILE B 20 1.45 -23.88 -1.39
C ILE B 20 2.21 -22.68 -1.96
N ARG B 21 3.54 -22.66 -1.89
CA ARG B 21 4.38 -21.55 -2.43
C ARG B 21 4.78 -21.79 -3.90
N ARG B 22 4.66 -23.03 -4.40
CA ARG B 22 4.98 -23.38 -5.81
C ARG B 22 6.45 -23.08 -6.10
N PRO B 23 7.40 -23.64 -5.34
CA PRO B 23 8.80 -23.32 -5.54
C PRO B 23 9.28 -23.87 -6.90
N PHE B 24 10.06 -23.09 -7.66
CA PHE B 24 10.89 -23.58 -8.79
C PHE B 24 11.72 -24.77 -8.30
N LEU B 25 11.54 -25.94 -8.95
CA LEU B 25 12.37 -27.16 -8.73
C LEU B 25 13.01 -27.58 -10.07
N CYS B 26 14.33 -27.82 -10.06
CA CYS B 26 15.11 -28.29 -11.24
C CYS B 26 14.78 -29.76 -11.52
N CYS B 27 14.77 -30.12 -12.80
CA CYS B 27 14.53 -31.50 -13.29
C CYS B 27 14.93 -32.54 -12.23
N LYS B 28 16.14 -32.48 -11.66
CA LYS B 28 16.63 -33.59 -10.78
C LYS B 28 15.92 -33.47 -9.41
N CYS B 29 15.81 -32.25 -8.89
CA CYS B 29 15.30 -31.96 -7.51
C CYS B 29 13.76 -32.11 -7.52
N CYS B 30 13.08 -31.63 -8.56
CA CYS B 30 11.61 -31.78 -8.74
C CYS B 30 11.21 -33.26 -8.72
N TYR B 31 12.03 -34.12 -9.35
CA TYR B 31 11.82 -35.59 -9.43
C TYR B 31 11.97 -36.21 -8.05
N ASP B 32 13.09 -35.95 -7.37
CA ASP B 32 13.39 -36.52 -6.02
C ASP B 32 12.33 -36.07 -5.03
N HIS B 33 11.65 -34.93 -5.29
CA HIS B 33 10.52 -34.39 -4.47
C HIS B 33 9.24 -35.19 -4.76
N VAL B 34 8.84 -35.29 -6.02
CA VAL B 34 7.54 -35.91 -6.41
C VAL B 34 7.54 -37.42 -6.09
N ILE B 35 8.66 -38.13 -6.19
CA ILE B 35 8.71 -39.61 -5.92
C ILE B 35 8.85 -39.90 -4.41
N SER B 36 9.10 -38.91 -3.57
CA SER B 36 9.34 -39.11 -2.12
C SER B 36 8.19 -38.54 -1.27
N THR B 37 7.25 -37.81 -1.89
CA THR B 37 6.09 -37.17 -1.22
C THR B 37 4.80 -37.55 -1.95
N SER B 38 3.67 -37.07 -1.42
CA SER B 38 2.32 -37.09 -2.03
C SER B 38 2.23 -36.00 -3.11
N HIS B 39 3.18 -35.08 -3.18
CA HIS B 39 3.19 -33.95 -4.14
C HIS B 39 3.47 -34.53 -5.54
N LYS B 40 2.53 -34.40 -6.48
CA LYS B 40 2.73 -34.90 -7.87
C LYS B 40 2.20 -33.90 -8.90
N LEU B 41 1.57 -32.78 -8.52
CA LEU B 41 1.29 -31.73 -9.53
C LEU B 41 2.59 -30.98 -9.80
N VAL B 42 2.98 -30.85 -11.07
CA VAL B 42 4.19 -30.08 -11.52
C VAL B 42 3.70 -29.02 -12.52
N LEU B 43 4.16 -27.78 -12.38
CA LEU B 43 3.75 -26.63 -13.22
C LEU B 43 4.93 -26.17 -14.07
N SER B 44 4.65 -25.74 -15.29
CA SER B 44 5.65 -25.11 -16.20
C SER B 44 5.07 -23.84 -16.82
N VAL B 45 5.09 -23.70 -18.14
CA VAL B 45 4.31 -22.66 -18.87
C VAL B 45 2.83 -22.95 -18.61
N ASN B 46 2.47 -24.23 -18.72
CA ASN B 46 1.12 -24.77 -18.40
C ASN B 46 1.30 -25.73 -17.22
N PRO B 47 0.19 -26.25 -16.65
CA PRO B 47 0.27 -27.35 -15.68
C PRO B 47 0.42 -28.69 -16.40
N TYR B 48 1.35 -29.52 -15.94
CA TYR B 48 1.46 -30.95 -16.33
C TYR B 48 0.18 -31.63 -15.87
N VAL B 49 -0.85 -31.59 -16.73
CA VAL B 49 -2.19 -32.20 -16.52
C VAL B 49 -2.64 -32.77 -17.87
N CYS B 50 -3.39 -33.88 -17.88
CA CYS B 50 -3.90 -34.53 -19.11
C CYS B 50 -4.90 -33.62 -19.83
N ASN B 51 -4.54 -33.07 -20.99
CA ASN B 51 -5.36 -32.10 -21.77
C ASN B 51 -6.57 -32.77 -22.46
N ALA B 52 -6.75 -34.10 -22.35
CA ALA B 52 -7.92 -34.81 -22.92
C ALA B 52 -9.16 -34.41 -22.15
N PRO B 53 -10.29 -34.08 -22.82
CA PRO B 53 -11.50 -33.56 -22.16
C PRO B 53 -12.12 -34.49 -21.09
N GLY B 54 -12.34 -33.95 -19.89
CA GLY B 54 -12.97 -34.67 -18.76
C GLY B 54 -12.09 -35.79 -18.24
N CYS B 55 -10.77 -35.69 -18.43
CA CYS B 55 -9.74 -36.55 -17.78
C CYS B 55 -9.19 -35.82 -16.53
N ASP B 56 -9.03 -36.55 -15.43
CA ASP B 56 -8.71 -35.96 -14.11
C ASP B 56 -7.27 -36.31 -13.71
N VAL B 57 -6.42 -36.79 -14.63
CA VAL B 57 -5.03 -37.20 -14.30
C VAL B 57 -4.15 -35.95 -14.20
N THR B 58 -3.54 -35.75 -13.03
CA THR B 58 -2.66 -34.61 -12.66
C THR B 58 -1.29 -35.12 -12.13
N ASP B 59 -1.16 -36.40 -11.77
CA ASP B 59 0.10 -37.00 -11.25
C ASP B 59 1.14 -37.01 -12.37
N VAL B 60 2.30 -36.39 -12.15
CA VAL B 60 3.36 -36.21 -13.20
C VAL B 60 3.98 -37.58 -13.53
N THR B 61 3.99 -38.55 -12.61
CA THR B 61 4.56 -39.92 -12.84
C THR B 61 3.61 -40.75 -13.74
N GLN B 62 2.39 -40.27 -14.01
CA GLN B 62 1.35 -40.96 -14.82
C GLN B 62 1.07 -40.18 -16.10
N LEU B 63 1.94 -39.25 -16.49
CA LEU B 63 1.67 -38.33 -17.63
C LEU B 63 2.82 -38.37 -18.63
N TYR B 64 2.47 -38.07 -19.90
CA TYR B 64 3.34 -38.15 -21.10
C TYR B 64 3.15 -36.88 -21.94
N LEU B 65 4.23 -36.40 -22.57
CA LEU B 65 4.20 -35.33 -23.60
C LEU B 65 4.06 -35.98 -24.99
N GLY B 66 2.84 -35.98 -25.52
CA GLY B 66 2.45 -36.60 -26.81
C GLY B 66 2.05 -35.54 -27.83
N GLY B 67 3.03 -35.00 -28.54
CA GLY B 67 2.90 -33.79 -29.39
C GLY B 67 3.43 -32.58 -28.63
N MET B 68 2.59 -31.55 -28.51
CA MET B 68 2.93 -30.29 -27.79
C MET B 68 1.96 -30.11 -26.61
N SER B 69 1.24 -31.19 -26.23
CA SER B 69 0.23 -31.23 -25.15
C SER B 69 0.42 -32.49 -24.31
N TYR B 70 0.07 -32.45 -23.02
CA TYR B 70 0.34 -33.53 -22.03
C TYR B 70 -0.88 -34.46 -21.94
N TYR B 71 -0.63 -35.75 -21.77
CA TYR B 71 -1.71 -36.79 -21.65
C TYR B 71 -1.28 -37.88 -20.67
N CYS B 72 -2.26 -38.57 -20.08
CA CYS B 72 -2.04 -39.76 -19.22
C CYS B 72 -1.75 -40.98 -20.10
N LYS B 73 -1.65 -42.15 -19.48
CA LYS B 73 -1.42 -43.45 -20.17
C LYS B 73 -2.61 -43.73 -21.09
N SER B 74 -3.83 -43.28 -20.74
CA SER B 74 -5.11 -43.57 -21.47
C SER B 74 -5.33 -42.61 -22.64
N HIS B 75 -4.74 -41.42 -22.65
CA HIS B 75 -5.06 -40.38 -23.66
C HIS B 75 -3.82 -39.94 -24.43
N LYS B 76 -2.66 -40.57 -24.20
CA LYS B 76 -1.43 -40.24 -24.96
C LYS B 76 -1.69 -40.66 -26.41
N PRO B 77 -1.03 -40.00 -27.39
CA PRO B 77 -0.90 -40.53 -28.75
C PRO B 77 0.19 -41.63 -28.86
N PRO B 78 0.39 -42.27 -30.03
CA PRO B 78 1.39 -43.33 -30.17
C PRO B 78 2.85 -42.86 -30.00
N ILE B 79 3.13 -41.62 -30.40
CA ILE B 79 4.44 -40.92 -30.25
C ILE B 79 4.34 -39.95 -29.06
N SER B 80 4.88 -40.38 -27.91
CA SER B 80 4.96 -39.61 -26.64
C SER B 80 6.18 -40.09 -25.84
N PHE B 81 6.73 -39.23 -25.00
CA PHE B 81 7.73 -39.62 -23.95
C PHE B 81 7.20 -39.22 -22.58
N PRO B 82 7.55 -39.97 -21.50
CA PRO B 82 7.02 -39.69 -20.17
C PRO B 82 7.64 -38.37 -19.67
N LEU B 83 7.08 -37.78 -18.62
CA LEU B 83 7.66 -36.57 -17.98
C LEU B 83 8.69 -36.98 -16.93
N CYS B 84 8.46 -38.06 -16.17
CA CYS B 84 9.46 -38.64 -15.21
C CYS B 84 10.24 -39.76 -15.88
N ALA B 85 11.56 -39.60 -15.95
CA ALA B 85 12.49 -40.59 -16.53
C ALA B 85 13.92 -40.25 -16.12
N ASN B 86 14.70 -41.25 -15.76
CA ASN B 86 16.16 -41.09 -15.50
C ASN B 86 16.36 -40.09 -14.35
N GLY B 87 15.52 -40.20 -13.30
CA GLY B 87 15.64 -39.41 -12.06
C GLY B 87 15.43 -37.92 -12.31
N GLN B 88 14.69 -37.59 -13.37
CA GLN B 88 14.43 -36.20 -13.79
C GLN B 88 12.98 -36.06 -14.24
N VAL B 89 12.41 -34.86 -14.05
CA VAL B 89 11.10 -34.47 -14.61
C VAL B 89 11.37 -33.62 -15.86
N PHE B 90 10.52 -33.71 -16.89
CA PHE B 90 10.77 -33.03 -18.19
C PHE B 90 10.33 -31.57 -18.12
N GLY B 91 11.29 -30.67 -18.35
CA GLY B 91 11.10 -29.23 -18.60
C GLY B 91 12.37 -28.61 -19.15
N LEU B 92 12.36 -27.29 -19.44
CA LEU B 92 13.53 -26.51 -19.94
C LEU B 92 14.78 -26.75 -19.06
N TYR B 93 15.95 -26.43 -19.60
CA TYR B 93 17.27 -26.39 -18.92
C TYR B 93 17.56 -27.73 -18.20
N LYS B 94 17.32 -28.85 -18.90
CA LYS B 94 17.50 -30.25 -18.40
C LYS B 94 19.00 -30.62 -18.35
N ASN B 95 19.81 -29.94 -19.17
CA ASN B 95 21.29 -30.09 -19.29
C ASN B 95 22.00 -29.37 -18.13
N THR B 96 21.52 -28.18 -17.75
CA THR B 96 21.97 -27.35 -16.59
C THR B 96 21.19 -27.79 -15.33
N CYS B 97 21.64 -28.87 -14.70
CA CYS B 97 20.95 -29.59 -13.59
C CYS B 97 22.01 -30.15 -12.63
N VAL B 98 21.87 -29.90 -11.33
CA VAL B 98 22.90 -30.25 -10.30
C VAL B 98 22.36 -31.29 -9.32
N GLY B 99 21.15 -31.07 -8.76
CA GLY B 99 20.46 -31.97 -7.81
C GLY B 99 21.00 -31.84 -6.40
N SER B 100 20.40 -32.52 -5.42
CA SER B 100 20.89 -32.59 -4.02
C SER B 100 21.10 -34.05 -3.60
N ASP B 101 22.01 -34.31 -2.66
CA ASP B 101 22.36 -35.69 -2.20
C ASP B 101 21.29 -36.24 -1.24
N ASN B 102 20.55 -35.35 -0.55
CA ASN B 102 19.37 -35.67 0.32
C ASN B 102 18.39 -34.50 0.34
N VAL B 103 17.27 -34.60 -0.38
CA VAL B 103 16.18 -33.57 -0.53
C VAL B 103 15.23 -33.65 0.68
N THR B 104 15.66 -34.34 1.75
CA THR B 104 14.81 -34.77 2.88
C THR B 104 14.24 -33.54 3.61
N ASP B 105 15.10 -32.56 3.92
CA ASP B 105 14.72 -31.34 4.68
C ASP B 105 13.71 -30.50 3.88
N PHE B 106 13.82 -30.39 2.55
CA PHE B 106 12.85 -29.62 1.73
C PHE B 106 11.47 -30.29 1.76
N ASN B 107 11.44 -31.63 1.80
CA ASN B 107 10.19 -32.44 1.76
C ASN B 107 9.43 -32.17 3.05
N ALA B 108 10.11 -32.24 4.18
CA ALA B 108 9.54 -31.97 5.53
C ALA B 108 8.98 -30.53 5.57
N ILE B 109 9.67 -29.54 5.01
CA ILE B 109 9.21 -28.12 5.05
C ILE B 109 7.98 -28.02 4.18
N ALA B 110 7.99 -28.68 3.03
CA ALA B 110 6.93 -28.56 2.00
C ALA B 110 5.64 -29.23 2.46
N THR B 111 5.73 -30.19 3.40
CA THR B 111 4.59 -31.09 3.76
C THR B 111 4.16 -30.97 5.23
N CYS B 112 4.93 -30.34 6.13
CA CYS B 112 4.55 -30.26 7.56
C CYS B 112 3.37 -29.30 7.73
N ASP B 113 2.57 -29.48 8.78
CA ASP B 113 1.38 -28.64 9.08
C ASP B 113 1.73 -27.49 10.03
N TRP B 114 2.99 -27.38 10.46
CA TRP B 114 3.51 -26.27 11.30
C TRP B 114 2.88 -26.24 12.70
N THR B 115 2.34 -27.36 13.18
CA THR B 115 1.70 -27.46 14.54
C THR B 115 2.72 -28.00 15.55
N ASN B 116 3.86 -28.53 15.09
CA ASN B 116 4.91 -29.14 15.95
C ASN B 116 6.13 -28.21 16.01
N ALA B 117 6.78 -28.13 17.18
CA ALA B 117 7.98 -27.29 17.41
C ALA B 117 9.09 -27.74 16.47
N GLY B 118 9.22 -29.07 16.25
CA GLY B 118 10.20 -29.69 15.34
C GLY B 118 10.18 -29.04 13.96
N ASP B 119 9.04 -28.49 13.55
CA ASP B 119 8.91 -27.90 12.19
C ASP B 119 9.73 -26.61 12.15
N TYR B 120 9.63 -25.82 13.22
CA TYR B 120 10.23 -24.47 13.37
C TYR B 120 11.72 -24.62 13.63
N ILE B 121 12.11 -25.72 14.29
CA ILE B 121 13.53 -26.06 14.57
C ILE B 121 14.23 -26.35 13.23
N LEU B 122 13.56 -27.06 12.33
CA LEU B 122 14.12 -27.34 10.99
C LEU B 122 14.22 -26.02 10.21
N ALA B 123 13.20 -25.17 10.28
CA ALA B 123 13.08 -23.96 9.41
C ALA B 123 14.20 -22.99 9.80
N ASN B 124 14.88 -23.25 10.92
CA ASN B 124 15.94 -22.38 11.45
C ASN B 124 17.30 -23.11 11.46
N THR B 125 17.36 -24.43 11.30
CA THR B 125 18.64 -25.20 11.26
C THR B 125 18.95 -25.60 9.81
N CYS B 126 18.01 -25.44 8.89
CA CYS B 126 18.19 -25.86 7.47
C CYS B 126 19.06 -24.84 6.74
N THR B 127 19.28 -24.99 5.44
CA THR B 127 20.17 -24.10 4.66
C THR B 127 19.45 -22.78 4.49
N GLU B 128 20.17 -21.71 4.14
CA GLU B 128 19.62 -20.34 4.09
C GLU B 128 18.44 -20.32 3.13
N ARG B 129 18.60 -20.90 1.94
CA ARG B 129 17.54 -20.85 0.88
C ARG B 129 16.28 -21.61 1.33
N LEU B 130 16.43 -22.60 2.21
CA LEU B 130 15.28 -23.36 2.75
C LEU B 130 14.65 -22.58 3.92
N LYS B 131 15.44 -21.80 4.67
CA LYS B 131 14.92 -20.85 5.69
C LYS B 131 13.90 -19.93 5.01
N LEU B 132 14.21 -19.40 3.83
CA LEU B 132 13.27 -18.50 3.12
C LEU B 132 12.04 -19.31 2.70
N PHE B 133 12.24 -20.45 2.05
CA PHE B 133 11.13 -21.37 1.65
C PHE B 133 10.28 -21.64 2.90
N ALA B 134 10.89 -22.11 4.01
CA ALA B 134 10.15 -22.48 5.25
C ALA B 134 9.33 -21.26 5.69
N ALA B 135 9.95 -20.09 5.69
CA ALA B 135 9.39 -18.82 6.21
C ALA B 135 8.16 -18.44 5.40
N GLU B 136 8.26 -18.45 4.08
CA GLU B 136 7.12 -18.24 3.14
C GLU B 136 6.02 -19.29 3.39
N THR B 137 6.41 -20.56 3.40
CA THR B 137 5.48 -21.72 3.49
C THR B 137 4.70 -21.59 4.81
N LEU B 138 5.39 -21.25 5.89
CA LEU B 138 4.80 -21.13 7.24
C LEU B 138 3.81 -19.96 7.26
N LYS B 139 4.19 -18.82 6.69
CA LYS B 139 3.35 -17.60 6.74
C LYS B 139 2.12 -17.81 5.88
N ALA B 140 2.30 -18.34 4.69
CA ALA B 140 1.19 -18.69 3.78
C ALA B 140 0.26 -19.68 4.51
N THR B 141 0.78 -20.66 5.26
CA THR B 141 -0.06 -21.63 6.03
C THR B 141 -0.82 -20.89 7.13
N GLU B 142 -0.17 -19.95 7.79
CA GLU B 142 -0.76 -19.14 8.88
C GLU B 142 -1.94 -18.34 8.33
N GLU B 143 -1.81 -17.66 7.18
CA GLU B 143 -2.83 -16.72 6.61
C GLU B 143 -4.04 -17.51 6.09
N THR B 144 -3.76 -18.66 5.48
CA THR B 144 -4.76 -19.64 4.94
C THR B 144 -5.58 -20.16 6.12
N PHE B 145 -4.89 -20.48 7.22
CA PHE B 145 -5.53 -21.06 8.42
C PHE B 145 -6.53 -20.06 9.03
N LYS B 146 -6.33 -18.75 8.83
CA LYS B 146 -7.29 -17.71 9.33
C LYS B 146 -8.64 -17.83 8.60
N LEU B 147 -8.66 -18.34 7.35
CA LEU B 147 -9.88 -18.56 6.50
C LEU B 147 -10.63 -19.81 6.99
N SER B 148 -10.02 -20.67 7.80
CA SER B 148 -10.68 -21.91 8.32
C SER B 148 -11.76 -21.47 9.32
N TYR B 149 -11.61 -20.27 9.88
CA TYR B 149 -12.46 -19.74 10.99
C TYR B 149 -13.79 -19.20 10.45
N GLY B 150 -14.85 -19.33 11.24
CA GLY B 150 -16.18 -18.86 10.87
C GLY B 150 -16.27 -17.33 10.97
N ILE B 151 -17.13 -16.73 10.17
CA ILE B 151 -17.51 -15.29 10.24
C ILE B 151 -18.23 -15.08 11.56
N ALA B 152 -17.97 -13.99 12.29
CA ALA B 152 -18.78 -13.57 13.45
C ALA B 152 -19.68 -12.41 13.02
N THR B 153 -20.96 -12.46 13.35
CA THR B 153 -21.96 -11.43 12.94
C THR B 153 -22.60 -10.86 14.20
N VAL B 154 -22.73 -9.53 14.25
CA VAL B 154 -23.48 -8.79 15.32
C VAL B 154 -24.95 -9.22 15.23
N ARG B 155 -25.39 -9.99 16.23
CA ARG B 155 -26.81 -10.41 16.39
C ARG B 155 -27.59 -9.26 17.05
N GLU B 156 -26.98 -8.55 18.00
CA GLU B 156 -27.64 -7.54 18.87
C GLU B 156 -26.54 -6.72 19.54
N VAL B 157 -26.66 -5.38 19.59
CA VAL B 157 -25.61 -4.47 20.13
C VAL B 157 -25.90 -4.19 21.62
N LEU B 158 -25.87 -5.24 22.45
CA LEU B 158 -26.21 -5.23 23.90
C LEU B 158 -26.09 -3.82 24.50
N SER B 159 -24.89 -3.23 24.45
CA SER B 159 -24.60 -1.85 24.91
C SER B 159 -23.39 -1.31 24.15
N ASP B 160 -22.85 -0.16 24.57
CA ASP B 160 -21.49 0.28 24.15
C ASP B 160 -20.49 -0.78 24.64
N ARG B 161 -19.38 -0.97 23.92
CA ARG B 161 -18.24 -1.84 24.32
C ARG B 161 -18.67 -3.30 24.59
N GLU B 162 -19.92 -3.70 24.31
CA GLU B 162 -20.39 -5.11 24.48
C GLU B 162 -21.35 -5.54 23.36
N LEU B 163 -21.20 -6.78 22.89
CA LEU B 163 -21.93 -7.35 21.72
C LEU B 163 -22.46 -8.76 22.00
N HIS B 164 -23.42 -9.17 21.15
CA HIS B 164 -23.93 -10.55 20.97
C HIS B 164 -23.50 -11.03 19.59
N LEU B 165 -22.81 -12.16 19.47
CA LEU B 165 -22.34 -12.65 18.16
C LEU B 165 -23.04 -13.95 17.74
N SER B 166 -23.35 -14.00 16.45
CA SER B 166 -23.85 -15.18 15.72
C SER B 166 -22.68 -15.71 14.86
N TRP B 167 -22.35 -17.00 15.00
CA TRP B 167 -21.13 -17.62 14.40
C TRP B 167 -21.54 -18.52 13.24
N GLU B 168 -20.74 -18.51 12.16
CA GLU B 168 -20.92 -19.34 10.95
C GLU B 168 -20.90 -20.82 11.37
N VAL B 169 -21.89 -21.58 10.91
CA VAL B 169 -22.04 -23.04 11.22
C VAL B 169 -21.00 -23.80 10.40
N GLY B 170 -20.46 -24.89 10.93
CA GLY B 170 -19.60 -25.82 10.17
C GLY B 170 -18.21 -25.28 9.96
N LYS B 171 -17.81 -24.27 10.75
CA LYS B 171 -16.47 -23.66 10.73
C LYS B 171 -16.10 -23.28 12.16
N PRO B 172 -14.91 -23.71 12.66
CA PRO B 172 -14.49 -23.38 14.02
C PRO B 172 -14.43 -21.87 14.25
N ARG B 173 -14.55 -21.48 15.53
CA ARG B 173 -14.48 -20.07 16.01
C ARG B 173 -13.05 -19.83 16.48
N PRO B 174 -12.46 -18.66 16.16
CA PRO B 174 -11.12 -18.32 16.60
C PRO B 174 -11.13 -17.97 18.09
N PRO B 175 -10.02 -18.24 18.83
CA PRO B 175 -9.87 -17.77 20.20
C PRO B 175 -10.16 -16.28 20.29
N LEU B 176 -10.83 -15.85 21.36
CA LEU B 176 -11.16 -14.41 21.60
C LEU B 176 -10.14 -13.84 22.58
N ASN B 177 -8.89 -13.66 22.13
CA ASN B 177 -7.79 -12.96 22.85
C ASN B 177 -7.11 -11.95 21.91
N ARG B 178 -6.16 -11.17 22.43
CA ARG B 178 -5.58 -9.98 21.75
C ARG B 178 -4.85 -10.43 20.47
N ASN B 179 -4.29 -11.65 20.47
CA ASN B 179 -3.56 -12.23 19.31
C ASN B 179 -4.44 -12.30 18.06
N TYR B 180 -5.76 -12.37 18.20
CA TYR B 180 -6.72 -12.50 17.07
C TYR B 180 -7.38 -11.15 16.81
N VAL B 181 -6.93 -10.49 15.73
CA VAL B 181 -7.41 -9.15 15.28
C VAL B 181 -8.35 -9.34 14.09
N PHE B 182 -9.59 -8.87 14.25
CA PHE B 182 -10.72 -9.02 13.29
C PHE B 182 -10.79 -7.76 12.43
N THR B 183 -11.67 -7.79 11.42
CA THR B 183 -12.05 -6.61 10.63
C THR B 183 -13.56 -6.59 10.50
N GLY B 184 -14.18 -5.48 10.87
CA GLY B 184 -15.63 -5.28 10.73
C GLY B 184 -15.94 -4.94 9.30
N TYR B 185 -17.17 -5.18 8.89
CA TYR B 185 -17.69 -4.79 7.56
C TYR B 185 -19.17 -4.46 7.70
N ARG B 186 -19.67 -3.49 6.92
CA ARG B 186 -21.12 -3.13 6.83
C ARG B 186 -21.66 -3.61 5.47
N VAL B 187 -22.80 -4.31 5.46
CA VAL B 187 -23.37 -4.98 4.25
C VAL B 187 -23.91 -3.90 3.31
N THR B 188 -23.08 -3.35 2.42
CA THR B 188 -23.47 -2.26 1.48
C THR B 188 -24.37 -2.84 0.39
N LYS B 189 -24.99 -1.96 -0.40
CA LYS B 189 -25.92 -2.29 -1.51
C LYS B 189 -25.57 -3.69 -2.05
N ASN B 190 -24.44 -3.80 -2.76
CA ASN B 190 -24.04 -5.00 -3.54
C ASN B 190 -22.62 -5.44 -3.15
N SER B 191 -22.11 -5.00 -1.99
CA SER B 191 -20.76 -5.37 -1.50
C SER B 191 -20.64 -5.09 0.01
N LYS B 192 -19.42 -4.84 0.49
CA LYS B 192 -19.08 -4.62 1.92
C LYS B 192 -18.00 -3.53 2.02
N VAL B 193 -18.07 -2.66 3.04
CA VAL B 193 -17.04 -1.60 3.30
C VAL B 193 -16.36 -1.87 4.66
N GLN B 194 -15.02 -1.91 4.67
CA GLN B 194 -14.20 -2.11 5.90
C GLN B 194 -14.61 -1.03 6.90
N ILE B 195 -14.74 -1.39 8.18
CA ILE B 195 -15.30 -0.52 9.26
C ILE B 195 -14.36 -0.59 10.48
N GLY B 196 -13.06 -0.80 10.24
CA GLY B 196 -12.01 -0.83 11.28
C GLY B 196 -11.52 -2.22 11.62
N GLU B 197 -10.55 -2.33 12.54
CA GLU B 197 -10.01 -3.59 13.09
C GLU B 197 -10.49 -3.75 14.54
N TYR B 198 -10.70 -4.98 15.00
CA TYR B 198 -11.33 -5.31 16.30
C TYR B 198 -10.59 -6.47 16.97
N THR B 199 -10.66 -6.51 18.30
CA THR B 199 -10.35 -7.70 19.15
C THR B 199 -11.54 -7.92 20.09
N PHE B 200 -11.68 -9.13 20.64
CA PHE B 200 -12.83 -9.55 21.46
C PHE B 200 -12.35 -10.31 22.69
N GLU B 201 -13.16 -10.28 23.75
CA GLU B 201 -12.97 -11.02 25.02
C GLU B 201 -14.38 -11.41 25.54
N LYS B 202 -14.52 -12.58 26.17
CA LYS B 202 -15.79 -13.12 26.75
C LYS B 202 -16.37 -12.07 27.70
N GLY B 203 -17.70 -12.05 27.87
CA GLY B 203 -18.42 -11.14 28.79
C GLY B 203 -18.95 -11.89 30.01
N ALA B 208 -22.42 -13.45 25.02
CA ALA B 208 -22.14 -12.00 24.93
C ALA B 208 -20.63 -11.76 25.01
N VAL B 209 -20.11 -10.84 24.17
CA VAL B 209 -18.65 -10.57 24.03
C VAL B 209 -18.38 -9.09 24.26
N VAL B 210 -17.10 -8.74 24.46
CA VAL B 210 -16.58 -7.38 24.71
C VAL B 210 -15.63 -7.02 23.56
N TYR B 211 -15.85 -5.89 22.87
CA TYR B 211 -15.07 -5.47 21.68
C TYR B 211 -14.16 -4.29 22.01
N ARG B 212 -12.89 -4.37 21.62
CA ARG B 212 -11.92 -3.23 21.63
C ARG B 212 -11.65 -2.83 20.17
N GLY B 213 -12.36 -1.82 19.67
CA GLY B 213 -12.31 -1.40 18.25
C GLY B 213 -11.17 -0.42 17.99
N THR B 214 -10.43 -0.61 16.88
CA THR B 214 -9.35 0.28 16.37
C THR B 214 -9.96 1.51 15.68
N THR B 215 -11.09 1.99 16.21
CA THR B 215 -11.88 3.16 15.73
C THR B 215 -13.24 3.12 16.41
N THR B 216 -13.91 4.26 16.51
CA THR B 216 -15.25 4.39 17.15
C THR B 216 -16.32 4.37 16.05
N TYR B 217 -17.38 3.58 16.27
CA TYR B 217 -18.54 3.38 15.34
C TYR B 217 -19.75 2.94 16.14
N LYS B 218 -20.92 3.52 15.87
CA LYS B 218 -22.20 3.06 16.47
C LYS B 218 -22.58 1.76 15.75
N LEU B 219 -21.67 0.77 15.74
CA LEU B 219 -21.80 -0.44 14.88
C LEU B 219 -23.15 -1.12 15.18
N ASN B 220 -23.95 -1.29 14.12
CA ASN B 220 -25.35 -1.80 14.14
C ASN B 220 -25.33 -3.30 13.85
N VAL B 221 -26.42 -3.98 14.16
CA VAL B 221 -26.66 -5.44 13.88
C VAL B 221 -26.24 -5.73 12.44
N GLY B 222 -25.88 -6.98 12.15
CA GLY B 222 -25.61 -7.45 10.78
C GLY B 222 -24.19 -7.15 10.33
N ASP B 223 -23.46 -6.26 11.02
CA ASP B 223 -22.01 -6.07 10.81
C ASP B 223 -21.31 -7.37 11.21
N TYR B 224 -20.31 -7.81 10.44
CA TYR B 224 -19.64 -9.12 10.61
C TYR B 224 -18.13 -8.89 10.61
N PHE B 225 -17.39 -9.87 11.14
CA PHE B 225 -15.96 -9.73 11.50
C PHE B 225 -15.18 -10.94 11.01
N VAL B 226 -14.11 -10.69 10.27
CA VAL B 226 -13.17 -11.74 9.77
C VAL B 226 -11.75 -11.30 10.14
N LEU B 227 -10.95 -12.26 10.58
CA LEU B 227 -9.50 -12.10 10.74
C LEU B 227 -8.97 -11.65 9.37
N THR B 228 -8.39 -10.47 9.23
CA THR B 228 -7.87 -10.02 7.92
C THR B 228 -6.61 -10.84 7.66
N SER B 229 -6.64 -11.56 6.54
CA SER B 229 -5.60 -12.47 6.00
C SER B 229 -4.98 -11.77 4.78
N HIS B 230 -3.67 -11.48 4.81
CA HIS B 230 -2.98 -10.76 3.71
C HIS B 230 -2.18 -11.73 2.82
N THR B 231 -1.90 -11.30 1.59
CA THR B 231 -1.05 -12.02 0.59
C THR B 231 0.38 -12.08 1.11
N VAL B 232 0.98 -13.27 1.15
CA VAL B 232 2.40 -13.50 1.52
C VAL B 232 3.26 -13.40 0.25
N MET B 233 4.17 -12.43 0.18
CA MET B 233 5.06 -12.25 -1.00
C MET B 233 6.20 -13.25 -0.91
N PRO B 234 6.87 -13.58 -2.04
CA PRO B 234 8.02 -14.48 -2.03
C PRO B 234 9.30 -13.76 -1.59
N LEU B 235 10.20 -14.51 -0.97
CA LEU B 235 11.41 -13.98 -0.30
C LEU B 235 12.60 -14.20 -1.24
N SER B 236 13.51 -13.23 -1.27
CA SER B 236 14.71 -13.21 -2.16
C SER B 236 15.95 -13.11 -1.29
N ALA B 237 16.01 -12.12 -0.40
CA ALA B 237 17.16 -11.80 0.47
C ALA B 237 17.32 -12.84 1.60
N PRO B 238 18.56 -13.15 2.07
CA PRO B 238 18.72 -14.05 3.21
C PRO B 238 18.22 -13.40 4.50
N THR B 239 18.10 -14.19 5.58
CA THR B 239 17.63 -13.72 6.91
C THR B 239 18.72 -12.87 7.57
N LEU B 240 19.99 -13.26 7.36
CA LEU B 240 21.23 -12.52 7.67
C LEU B 240 22.10 -12.37 6.43
N VAL B 241 22.70 -11.19 6.25
CA VAL B 241 23.73 -10.96 5.19
C VAL B 241 24.95 -11.71 5.66
N PRO B 242 25.96 -11.93 4.78
CA PRO B 242 27.18 -12.60 5.21
C PRO B 242 27.95 -11.62 6.12
N GLN B 243 28.39 -12.12 7.27
CA GLN B 243 29.13 -11.33 8.25
C GLN B 243 30.44 -10.85 7.61
N GLU B 244 30.80 -9.61 7.90
CA GLU B 244 32.13 -9.04 7.57
C GLU B 244 32.66 -8.34 8.82
N HIS B 245 33.84 -8.74 9.27
CA HIS B 245 34.59 -8.08 10.37
C HIS B 245 35.63 -7.13 9.77
N TYR B 246 35.80 -5.97 10.39
CA TYR B 246 36.68 -4.87 9.90
C TYR B 246 37.70 -4.57 10.98
N VAL B 247 38.74 -3.86 10.56
CA VAL B 247 39.92 -3.51 11.40
C VAL B 247 39.81 -2.02 11.80
N ARG B 248 39.01 -1.25 11.06
CA ARG B 248 38.63 0.14 11.42
C ARG B 248 37.11 0.30 11.31
N ILE B 249 36.55 1.29 12.00
CA ILE B 249 35.14 1.72 11.80
C ILE B 249 35.01 2.08 10.32
N THR B 250 34.09 1.41 9.63
CA THR B 250 33.87 1.47 8.16
C THR B 250 32.67 2.35 7.87
N GLY B 251 32.89 3.47 7.20
CA GLY B 251 31.81 4.28 6.57
C GLY B 251 30.98 5.05 7.57
N LEU B 252 31.44 5.13 8.83
CA LEU B 252 30.79 5.93 9.90
C LEU B 252 31.85 6.86 10.50
N TYR B 253 31.47 8.08 10.85
CA TYR B 253 32.39 9.12 11.41
C TYR B 253 31.96 9.49 12.83
N PRO B 254 32.66 8.96 13.87
CA PRO B 254 32.32 9.18 15.26
C PRO B 254 32.45 10.64 15.71
N THR B 255 31.55 11.05 16.59
CA THR B 255 31.49 12.41 17.14
C THR B 255 32.77 12.63 17.94
N LEU B 256 33.16 13.88 18.11
CA LEU B 256 34.31 14.26 18.98
C LEU B 256 33.82 14.41 20.43
N ASN B 257 32.64 14.99 20.62
CA ASN B 257 32.01 15.29 21.92
C ASN B 257 30.69 14.54 22.05
N ILE B 258 30.60 13.61 23.01
CA ILE B 258 29.38 12.83 23.34
C ILE B 258 28.96 13.14 24.78
N SER B 259 27.68 13.10 25.11
CA SER B 259 27.22 13.40 26.49
C SER B 259 27.46 12.17 27.36
N ASP B 260 27.61 12.34 28.67
CA ASP B 260 27.91 11.21 29.59
C ASP B 260 26.68 10.29 29.71
N GLU B 261 25.56 10.73 29.14
CA GLU B 261 24.30 9.94 29.00
C GLU B 261 24.54 8.68 28.14
N PHE B 262 25.41 8.75 27.13
CA PHE B 262 25.65 7.69 26.12
C PHE B 262 27.07 7.12 26.19
N SER B 263 27.92 7.66 27.08
CA SER B 263 29.34 7.27 27.26
C SER B 263 29.45 5.77 27.57
N SER B 264 28.46 5.19 28.24
CA SER B 264 28.49 3.75 28.60
C SER B 264 28.46 2.89 27.33
N ASN B 265 28.00 3.42 26.20
CA ASN B 265 27.79 2.59 24.96
C ASN B 265 28.81 2.91 23.86
N VAL B 266 29.84 3.73 24.13
CA VAL B 266 30.83 4.16 23.09
C VAL B 266 31.62 2.94 22.58
N ALA B 267 32.14 2.10 23.47
CA ALA B 267 32.82 0.85 23.09
C ALA B 267 31.87 0.02 22.20
N ASN B 268 30.60 -0.14 22.60
CA ASN B 268 29.59 -0.92 21.82
C ASN B 268 29.32 -0.25 20.46
N TYR B 269 29.08 1.06 20.41
CA TYR B 269 28.83 1.83 19.17
C TYR B 269 30.00 1.68 18.20
N GLN B 270 31.21 1.43 18.74
CA GLN B 270 32.45 1.30 17.94
C GLN B 270 32.47 -0.12 17.35
N LYS B 271 32.16 -1.11 18.18
CA LYS B 271 31.92 -2.49 17.68
C LYS B 271 30.94 -2.48 16.50
N VAL B 272 29.89 -1.65 16.56
CA VAL B 272 28.85 -1.59 15.50
C VAL B 272 29.51 -1.19 14.16
N GLY B 273 30.52 -0.33 14.17
CA GLY B 273 31.10 0.19 12.93
C GLY B 273 32.17 -0.75 12.39
N MET B 274 32.57 -1.73 13.20
CA MET B 274 33.67 -2.66 12.89
C MET B 274 33.14 -4.07 12.56
N GLN B 275 31.86 -4.22 12.27
CA GLN B 275 31.33 -5.47 11.66
C GLN B 275 30.08 -5.12 10.85
N LYS B 276 29.71 -6.00 9.92
CA LYS B 276 28.60 -5.74 8.98
C LYS B 276 27.30 -5.72 9.80
N TYR B 277 27.12 -6.72 10.65
CA TYR B 277 25.94 -6.80 11.55
C TYR B 277 26.46 -7.15 12.94
N SER B 278 25.77 -6.59 13.93
CA SER B 278 26.05 -6.81 15.37
C SER B 278 24.74 -7.11 16.07
N THR B 279 24.80 -7.90 17.13
CA THR B 279 23.63 -8.31 17.94
C THR B 279 23.79 -7.66 19.32
N LEU B 280 22.75 -7.00 19.79
CA LEU B 280 22.72 -6.42 21.16
C LEU B 280 21.62 -7.10 21.96
N GLN B 281 21.97 -7.92 22.93
CA GLN B 281 21.01 -8.46 23.92
C GLN B 281 20.80 -7.40 24.99
N GLY B 282 19.59 -6.88 25.08
CA GLY B 282 19.23 -5.92 26.13
C GLY B 282 18.15 -6.47 27.05
N PRO B 283 18.50 -7.00 28.24
CA PRO B 283 17.50 -7.40 29.23
C PRO B 283 16.53 -6.28 29.58
N PRO B 284 15.50 -6.57 30.39
CA PRO B 284 14.50 -5.57 30.74
C PRO B 284 15.14 -4.35 31.39
N GLY B 285 14.83 -3.15 30.87
CA GLY B 285 15.21 -1.86 31.49
C GLY B 285 16.72 -1.64 31.55
N THR B 286 17.47 -2.23 30.60
CA THR B 286 18.95 -2.12 30.50
C THR B 286 19.30 -0.99 29.52
N GLY B 287 18.36 -0.43 28.75
CA GLY B 287 18.58 0.81 27.96
C GLY B 287 18.63 0.59 26.44
N LYS B 288 17.74 -0.22 25.87
CA LYS B 288 17.80 -0.56 24.43
C LYS B 288 17.49 0.66 23.55
N SER B 289 16.37 1.36 23.77
CA SER B 289 15.96 2.57 23.00
C SER B 289 17.06 3.62 23.15
N HIS B 290 17.63 3.69 24.36
CA HIS B 290 18.67 4.66 24.74
C HIS B 290 19.90 4.37 23.86
N PHE B 291 20.35 3.11 23.83
CA PHE B 291 21.41 2.61 22.92
C PHE B 291 21.10 3.01 21.49
N ALA B 292 19.91 2.68 21.01
CA ALA B 292 19.56 2.84 19.59
C ALA B 292 19.67 4.31 19.18
N ILE B 293 19.18 5.24 19.99
CA ILE B 293 19.13 6.68 19.59
C ILE B 293 20.54 7.27 19.72
N GLY B 294 21.27 6.86 20.75
CA GLY B 294 22.61 7.36 21.07
C GLY B 294 23.62 6.98 19.99
N LEU B 295 23.33 5.90 19.26
CA LEU B 295 24.13 5.48 18.08
C LEU B 295 24.07 6.60 17.03
N ALA B 296 22.98 7.38 16.99
CA ALA B 296 22.81 8.48 16.01
C ALA B 296 23.69 9.63 16.44
N LEU B 297 23.74 9.85 17.74
CA LEU B 297 24.53 10.94 18.34
C LEU B 297 26.00 10.61 18.18
N TYR B 298 26.34 9.33 18.33
CA TYR B 298 27.75 8.87 18.19
C TYR B 298 28.20 8.97 16.73
N TYR B 299 27.36 8.62 15.76
CA TYR B 299 27.66 8.74 14.30
C TYR B 299 26.79 9.84 13.70
N PRO B 300 27.03 11.12 14.05
CA PRO B 300 26.07 12.18 13.81
C PRO B 300 25.62 12.34 12.35
N SER B 301 26.50 12.02 11.41
CA SER B 301 26.27 12.23 9.95
C SER B 301 25.54 11.02 9.36
N ALA B 302 25.67 9.84 9.99
CA ALA B 302 25.13 8.54 9.51
C ALA B 302 23.61 8.59 9.33
N ARG B 303 23.13 8.09 8.19
CA ARG B 303 21.70 7.90 7.88
C ARG B 303 21.24 6.57 8.50
N ILE B 304 20.27 6.64 9.41
CA ILE B 304 19.84 5.45 10.18
C ILE B 304 18.37 5.24 9.90
N VAL B 305 18.04 4.03 9.44
CA VAL B 305 16.66 3.50 9.37
C VAL B 305 16.43 2.65 10.61
N TYR B 306 15.47 3.07 11.41
CA TYR B 306 15.00 2.39 12.64
C TYR B 306 13.75 1.62 12.26
N THR B 307 13.76 0.32 12.50
CA THR B 307 12.68 -0.59 12.09
C THR B 307 12.40 -1.53 13.25
N ALA B 308 11.19 -2.06 13.25
CA ALA B 308 10.68 -3.10 14.17
C ALA B 308 9.42 -3.69 13.53
N CYS B 309 8.94 -4.82 14.05
CA CYS B 309 7.76 -5.50 13.48
C CYS B 309 6.54 -4.62 13.78
N SER B 310 6.35 -4.26 15.05
CA SER B 310 5.14 -3.54 15.53
C SER B 310 5.27 -2.03 15.39
N HIS B 311 4.15 -1.37 15.14
CA HIS B 311 4.00 0.10 15.24
C HIS B 311 4.41 0.59 16.65
N ALA B 312 4.16 -0.18 17.71
CA ALA B 312 4.41 0.25 19.11
C ALA B 312 5.93 0.37 19.24
N ALA B 313 6.68 -0.65 18.79
CA ALA B 313 8.15 -0.67 18.93
C ALA B 313 8.76 0.47 18.10
N VAL B 314 8.26 0.72 16.90
CA VAL B 314 8.78 1.85 16.06
C VAL B 314 8.46 3.17 16.77
N ASP B 315 7.23 3.30 17.29
CA ASP B 315 6.74 4.53 17.97
C ASP B 315 7.60 4.79 19.22
N ALA B 316 7.93 3.73 19.97
CA ALA B 316 8.79 3.81 21.17
C ALA B 316 10.17 4.38 20.78
N LEU B 317 10.73 3.91 19.66
CA LEU B 317 11.99 4.49 19.12
C LEU B 317 11.78 5.95 18.71
N CYS B 318 10.64 6.32 18.12
CA CYS B 318 10.29 7.74 17.79
C CYS B 318 10.20 8.61 19.06
N GLU B 319 9.68 8.09 20.18
CA GLU B 319 9.55 8.89 21.43
C GLU B 319 10.96 9.25 21.91
N LYS B 320 11.83 8.25 22.00
CA LYS B 320 13.27 8.43 22.35
C LYS B 320 13.91 9.39 21.35
N ALA B 321 13.67 9.25 20.06
CA ALA B 321 14.32 10.14 19.06
C ALA B 321 13.87 11.58 19.29
N LEU B 322 12.59 11.75 19.64
CA LEU B 322 11.94 13.06 19.75
C LEU B 322 12.62 13.82 20.89
N LYS B 323 13.09 13.09 21.90
CA LYS B 323 13.84 13.65 23.06
C LYS B 323 15.25 14.13 22.65
N TYR B 324 16.02 13.39 21.82
CA TYR B 324 17.49 13.61 21.64
C TYR B 324 17.91 14.00 20.21
N LEU B 325 17.12 13.75 19.17
CA LEU B 325 17.53 13.95 17.75
C LEU B 325 16.74 15.11 17.17
N PRO B 326 17.29 15.87 16.20
CA PRO B 326 16.58 17.00 15.60
C PRO B 326 15.31 16.51 14.89
N ILE B 327 14.15 17.02 15.31
CA ILE B 327 12.81 16.59 14.79
C ILE B 327 12.80 16.68 13.25
N ASP B 328 13.31 17.76 12.66
CA ASP B 328 13.22 18.01 11.19
C ASP B 328 14.15 17.06 10.41
N LYS B 329 14.96 16.23 11.08
CA LYS B 329 15.83 15.18 10.46
C LYS B 329 15.16 13.81 10.60
N CYS B 330 13.97 13.75 11.15
CA CYS B 330 13.19 12.51 11.38
C CYS B 330 12.01 12.40 10.40
N SER B 331 11.59 11.16 10.13
CA SER B 331 10.39 10.85 9.32
C SER B 331 9.81 9.51 9.78
N ARG B 332 8.50 9.50 10.03
CA ARG B 332 7.74 8.27 10.31
C ARG B 332 7.15 7.82 8.98
N ILE B 333 7.52 6.64 8.50
CA ILE B 333 6.91 5.99 7.31
C ILE B 333 5.63 5.29 7.75
N ILE B 334 4.49 5.74 7.21
CA ILE B 334 3.14 5.17 7.48
C ILE B 334 2.58 4.72 6.14
N PRO B 335 2.21 3.42 6.04
CA PRO B 335 1.54 2.89 4.84
C PRO B 335 0.08 3.37 4.82
N ALA B 336 -0.41 3.81 3.66
CA ALA B 336 -1.81 4.27 3.48
C ALA B 336 -2.74 3.04 3.50
N VAL B 340 -4.60 2.50 11.15
CA VAL B 340 -3.85 2.19 12.41
C VAL B 340 -3.08 3.44 12.89
N GLU B 341 -3.41 3.96 14.08
CA GLU B 341 -2.95 5.28 14.57
C GLU B 341 -1.65 5.13 15.34
N CYS B 342 -0.56 5.75 14.85
CA CYS B 342 0.81 5.58 15.38
C CYS B 342 1.42 6.94 15.77
N PHE B 343 2.65 7.26 15.33
CA PHE B 343 3.43 8.43 15.80
C PHE B 343 3.28 9.58 14.82
N ASP B 344 2.82 10.76 15.28
CA ASP B 344 2.44 11.88 14.37
C ASP B 344 3.23 13.16 14.68
N LYS B 345 4.41 13.08 15.29
CA LYS B 345 5.22 14.28 15.59
C LYS B 345 6.28 14.51 14.50
N PHE B 346 6.55 13.54 13.61
CA PHE B 346 7.58 13.64 12.53
C PHE B 346 6.91 13.85 11.18
N LYS B 347 7.60 14.45 10.21
CA LYS B 347 7.05 14.57 8.83
C LYS B 347 6.82 13.14 8.31
N VAL B 348 5.62 12.88 7.80
CA VAL B 348 5.16 11.50 7.42
C VAL B 348 5.66 11.16 6.01
N ASN B 349 6.26 9.97 5.85
CA ASN B 349 6.60 9.32 4.56
C ASN B 349 7.63 10.14 3.78
N SER B 350 8.62 10.74 4.46
CA SER B 350 9.80 11.37 3.83
C SER B 350 10.96 10.38 3.91
N THR B 351 11.07 9.54 2.89
CA THR B 351 12.01 8.39 2.81
C THR B 351 13.45 8.88 2.80
N LEU B 352 13.69 10.13 2.39
CA LEU B 352 15.08 10.66 2.23
C LEU B 352 15.55 11.41 3.49
N GLU B 353 14.75 11.50 4.55
CA GLU B 353 15.19 12.13 5.82
C GLU B 353 16.36 11.31 6.39
N GLN B 354 17.19 11.90 7.25
CA GLN B 354 18.39 11.22 7.78
C GLN B 354 17.98 10.09 8.72
N TYR B 355 16.86 10.25 9.44
CA TYR B 355 16.36 9.28 10.43
C TYR B 355 14.97 8.84 10.01
N VAL B 356 14.83 7.56 9.66
CA VAL B 356 13.57 6.97 9.10
C VAL B 356 13.10 5.89 10.06
N PHE B 357 11.86 6.00 10.52
CA PHE B 357 11.23 5.14 11.56
C PHE B 357 10.03 4.47 10.90
N CYS B 358 10.02 3.16 10.83
CA CYS B 358 9.17 2.43 9.88
C CYS B 358 9.10 0.96 10.29
N THR B 359 7.89 0.39 10.32
CA THR B 359 7.67 -1.05 10.56
C THR B 359 8.28 -1.80 9.37
N VAL B 360 8.63 -3.07 9.56
CA VAL B 360 9.22 -3.97 8.54
C VAL B 360 8.32 -4.07 7.30
N ASN B 361 7.01 -4.20 7.46
CA ASN B 361 6.10 -4.47 6.31
C ASN B 361 5.88 -3.18 5.51
N ALA B 362 6.24 -2.00 6.03
CA ALA B 362 6.03 -0.71 5.33
C ALA B 362 7.34 -0.19 4.71
N LEU B 363 8.43 -0.93 4.85
CA LEU B 363 9.79 -0.41 4.53
C LEU B 363 9.85 -0.04 3.06
N PRO B 364 10.46 1.09 2.70
CA PRO B 364 10.79 1.38 1.30
C PRO B 364 12.11 0.74 0.82
N GLU B 365 12.27 0.67 -0.50
CA GLU B 365 13.54 0.31 -1.18
C GLU B 365 14.47 1.50 -0.99
N THR B 366 15.54 1.34 -0.21
CA THR B 366 16.47 2.43 0.16
C THR B 366 17.74 1.83 0.73
N THR B 367 18.77 2.65 0.86
CA THR B 367 20.07 2.34 1.48
C THR B 367 20.20 3.18 2.75
N ALA B 368 21.10 2.79 3.65
CA ALA B 368 21.34 3.50 4.92
C ALA B 368 22.75 3.23 5.40
N ASP B 369 23.27 4.12 6.23
CA ASP B 369 24.57 3.93 6.91
C ASP B 369 24.34 2.85 7.98
N ILE B 370 23.35 3.01 8.84
CA ILE B 370 23.01 1.95 9.84
C ILE B 370 21.53 1.59 9.70
N VAL B 371 21.19 0.30 9.81
CA VAL B 371 19.80 -0.14 10.04
C VAL B 371 19.70 -0.73 11.44
N VAL B 372 18.86 -0.15 12.31
CA VAL B 372 18.59 -0.65 13.69
C VAL B 372 17.26 -1.36 13.60
N PHE B 373 17.25 -2.67 13.79
CA PHE B 373 16.05 -3.52 13.90
C PHE B 373 15.88 -3.81 15.39
N ASP B 374 14.80 -3.28 15.99
CA ASP B 374 14.51 -3.43 17.44
C ASP B 374 13.54 -4.58 17.68
N GLU B 375 13.46 -4.98 18.95
CA GLU B 375 12.58 -6.05 19.50
C GLU B 375 12.77 -7.27 18.61
N ILE B 376 13.99 -7.80 18.56
CA ILE B 376 14.41 -8.84 17.59
C ILE B 376 13.79 -10.20 17.97
N SER B 377 13.47 -10.47 19.24
CA SER B 377 12.83 -11.75 19.65
C SER B 377 11.46 -11.90 18.97
N MET B 378 10.78 -10.77 18.70
CA MET B 378 9.41 -10.74 18.09
C MET B 378 9.47 -10.95 16.56
N ALA B 379 10.64 -10.85 15.94
CA ALA B 379 10.81 -11.02 14.48
C ALA B 379 10.75 -12.51 14.12
N THR B 380 10.25 -12.76 12.91
CA THR B 380 10.29 -14.07 12.23
C THR B 380 11.37 -13.97 11.16
N ASN B 381 11.82 -15.12 10.68
CA ASN B 381 12.80 -15.19 9.57
C ASN B 381 12.20 -14.49 8.36
N TYR B 382 10.88 -14.50 8.21
CA TYR B 382 10.18 -13.76 7.13
C TYR B 382 10.56 -12.28 7.22
N ASP B 383 10.38 -11.68 8.39
CA ASP B 383 10.71 -10.24 8.63
C ASP B 383 12.18 -9.98 8.42
N LEU B 384 13.03 -10.90 8.91
CA LEU B 384 14.49 -10.78 8.74
C LEU B 384 14.81 -10.62 7.26
N SER B 385 14.24 -11.49 6.41
CA SER B 385 14.54 -11.48 4.97
C SER B 385 14.03 -10.19 4.32
N VAL B 386 12.86 -9.72 4.74
CA VAL B 386 12.19 -8.54 4.11
C VAL B 386 13.09 -7.31 4.31
N VAL B 387 13.68 -7.20 5.50
CA VAL B 387 14.54 -6.03 5.84
C VAL B 387 15.76 -6.06 4.92
N ASN B 388 16.34 -7.25 4.76
CA ASN B 388 17.58 -7.45 3.95
C ASN B 388 17.24 -7.13 2.48
N ALA B 389 16.02 -7.39 2.04
CA ALA B 389 15.55 -7.15 0.66
C ALA B 389 15.28 -5.67 0.44
N ARG B 390 14.68 -4.96 1.43
CA ARG B 390 14.19 -3.57 1.25
C ARG B 390 15.33 -2.57 1.53
N LEU B 391 16.27 -2.91 2.44
CA LEU B 391 17.36 -2.00 2.97
C LEU B 391 18.76 -2.55 2.67
N ARG B 392 19.53 -1.83 1.85
CA ARG B 392 20.96 -2.11 1.59
C ARG B 392 21.79 -1.16 2.46
N ALA B 393 22.49 -1.68 3.47
CA ALA B 393 23.10 -0.89 4.55
C ALA B 393 24.58 -1.27 4.77
N LYS B 394 25.39 -0.30 5.21
CA LYS B 394 26.79 -0.55 5.63
C LYS B 394 26.79 -1.39 6.92
N HIS B 395 25.84 -1.15 7.82
CA HIS B 395 25.82 -1.79 9.16
C HIS B 395 24.39 -2.06 9.59
N TYR B 396 24.19 -3.26 10.13
CA TYR B 396 22.89 -3.80 10.60
C TYR B 396 23.09 -4.05 12.09
N VAL B 397 22.27 -3.40 12.93
CA VAL B 397 22.20 -3.69 14.40
C VAL B 397 20.84 -4.33 14.71
N TYR B 398 20.86 -5.51 15.32
CA TYR B 398 19.69 -6.28 15.78
C TYR B 398 19.67 -6.18 17.29
N ILE B 399 18.65 -5.51 17.83
CA ILE B 399 18.48 -5.20 19.28
C ILE B 399 17.26 -5.96 19.79
N GLY B 400 17.39 -6.60 20.93
CA GLY B 400 16.31 -7.41 21.50
C GLY B 400 16.84 -8.25 22.64
N ASP B 401 16.10 -9.30 22.99
CA ASP B 401 16.47 -10.21 24.09
C ASP B 401 15.80 -11.54 23.82
N PRO B 402 16.57 -12.59 23.45
CA PRO B 402 15.99 -13.90 23.23
C PRO B 402 15.49 -14.56 24.53
N ALA B 403 15.55 -13.84 25.65
CA ALA B 403 14.99 -14.28 26.95
C ALA B 403 13.59 -13.70 27.11
N GLN B 404 13.20 -12.82 26.19
CA GLN B 404 11.84 -12.24 26.19
C GLN B 404 10.98 -12.98 25.17
N LEU B 405 9.84 -12.42 24.78
CA LEU B 405 8.78 -13.22 24.13
C LEU B 405 8.96 -13.19 22.62
N PRO B 406 8.75 -14.33 21.97
CA PRO B 406 8.83 -14.42 20.52
C PRO B 406 7.51 -13.96 19.92
N ALA B 407 7.43 -13.84 18.59
CA ALA B 407 6.16 -13.64 17.87
C ALA B 407 5.26 -14.83 18.16
N PRO B 408 3.95 -14.65 18.33
CA PRO B 408 3.05 -15.79 18.53
C PRO B 408 3.09 -16.67 17.26
N ARG B 409 3.26 -17.98 17.46
CA ARG B 409 3.19 -19.00 16.37
C ARG B 409 1.81 -19.65 16.44
N THR B 410 0.82 -19.04 15.79
CA THR B 410 -0.63 -19.36 15.96
C THR B 410 -0.87 -20.83 15.67
N LEU B 411 -0.13 -21.43 14.73
CA LEU B 411 -0.29 -22.85 14.34
C LEU B 411 0.35 -23.77 15.40
N LEU B 412 1.35 -23.30 16.15
CA LEU B 412 2.19 -24.18 17.01
C LEU B 412 1.40 -24.52 18.28
N THR B 413 1.12 -25.81 18.49
CA THR B 413 0.31 -26.31 19.63
C THR B 413 1.04 -27.46 20.33
N LYS B 414 2.04 -28.06 19.69
CA LYS B 414 2.71 -29.28 20.22
C LYS B 414 4.20 -28.97 20.36
N GLY B 415 4.68 -28.96 21.60
CA GLY B 415 6.08 -28.68 21.94
C GLY B 415 6.28 -27.22 22.29
N THR B 416 7.41 -26.91 22.90
CA THR B 416 7.86 -25.54 23.24
C THR B 416 8.98 -25.14 22.27
N LEU B 417 8.89 -23.94 21.69
CA LEU B 417 9.93 -23.32 20.81
C LEU B 417 11.01 -22.68 21.68
N GLU B 418 12.24 -23.19 21.64
CA GLU B 418 13.40 -22.58 22.37
C GLU B 418 13.86 -21.29 21.68
N PRO B 419 14.43 -20.33 22.46
CA PRO B 419 14.86 -19.05 21.93
C PRO B 419 15.85 -19.09 20.75
N GLU B 420 16.71 -20.11 20.71
CA GLU B 420 17.65 -20.34 19.58
C GLU B 420 16.89 -20.64 18.28
N TYR B 421 15.56 -20.81 18.31
CA TYR B 421 14.75 -21.16 17.12
C TYR B 421 13.69 -20.09 16.80
N PHE B 422 13.69 -18.95 17.48
CA PHE B 422 12.76 -17.81 17.20
C PHE B 422 13.11 -17.24 15.84
N ASN B 423 14.37 -16.97 15.59
CA ASN B 423 14.80 -16.46 14.27
C ASN B 423 16.31 -16.67 14.17
N SER B 424 16.89 -16.40 13.00
CA SER B 424 18.35 -16.48 12.71
C SER B 424 19.12 -15.65 13.74
N VAL B 425 18.65 -14.44 14.07
CA VAL B 425 19.39 -13.53 14.99
C VAL B 425 19.40 -14.17 16.38
N CYS B 426 18.27 -14.66 16.86
CA CYS B 426 18.22 -15.27 18.21
C CYS B 426 19.06 -16.53 18.17
N ARG B 427 19.09 -17.21 17.04
CA ARG B 427 19.90 -18.45 16.89
C ARG B 427 21.36 -18.08 17.18
N LEU B 428 21.88 -17.05 16.53
CA LEU B 428 23.24 -16.53 16.83
C LEU B 428 23.39 -16.17 18.31
N MET B 429 22.47 -15.38 18.88
CA MET B 429 22.65 -14.84 20.24
C MET B 429 22.71 -15.98 21.23
N LYS B 430 22.10 -17.13 20.94
CA LYS B 430 21.99 -18.27 21.90
C LYS B 430 23.14 -19.28 21.69
N THR B 431 23.76 -19.28 20.51
CA THR B 431 24.81 -20.27 20.13
C THR B 431 26.21 -19.62 20.26
N ILE B 432 26.53 -18.58 19.49
CA ILE B 432 27.83 -17.84 19.55
C ILE B 432 27.73 -16.60 20.45
N GLY B 433 26.61 -16.41 21.16
CA GLY B 433 26.42 -15.28 22.10
C GLY B 433 26.16 -13.96 21.39
N PRO B 434 25.67 -12.93 22.09
CA PRO B 434 25.45 -11.63 21.46
C PRO B 434 26.73 -10.81 21.32
N ASP B 435 26.87 -10.00 20.27
CA ASP B 435 28.05 -9.14 20.08
C ASP B 435 28.14 -8.16 21.24
N MET B 436 27.00 -7.66 21.71
CA MET B 436 26.98 -6.67 22.80
C MET B 436 25.90 -7.04 23.80
N PHE B 437 26.10 -6.69 25.07
CA PHE B 437 25.17 -7.03 26.17
C PHE B 437 25.03 -5.83 27.12
N LEU B 438 23.81 -5.30 27.28
CA LEU B 438 23.50 -4.26 28.30
C LEU B 438 23.25 -4.98 29.64
N GLY B 439 24.22 -4.93 30.56
CA GLY B 439 24.30 -5.83 31.73
C GLY B 439 23.76 -5.18 32.99
N THR B 440 23.22 -3.96 32.92
CA THR B 440 22.70 -3.31 34.16
C THR B 440 21.23 -2.88 34.04
N CYS B 441 20.38 -3.61 34.75
CA CYS B 441 18.93 -3.34 34.83
C CYS B 441 18.72 -2.16 35.77
N ARG B 442 18.16 -1.06 35.26
CA ARG B 442 17.90 0.21 36.01
C ARG B 442 16.47 0.22 36.55
N ARG B 443 15.63 -0.74 36.16
CA ARG B 443 14.17 -0.70 36.41
C ARG B 443 13.85 -1.43 37.71
N CYS B 444 14.39 -2.64 37.90
CA CYS B 444 13.77 -3.63 38.81
C CYS B 444 14.46 -3.69 40.16
N PRO B 445 13.69 -3.93 41.23
CA PRO B 445 14.24 -4.31 42.52
C PRO B 445 15.28 -5.43 42.36
N ALA B 446 16.35 -5.38 43.13
CA ALA B 446 17.46 -6.36 43.07
C ALA B 446 16.91 -7.78 43.20
N GLU B 447 15.84 -8.02 43.97
CA GLU B 447 15.32 -9.41 44.15
C GLU B 447 14.91 -9.97 42.79
N ILE B 448 14.27 -9.14 41.96
CA ILE B 448 13.75 -9.50 40.60
C ILE B 448 14.94 -9.66 39.66
N VAL B 449 15.90 -8.74 39.70
CA VAL B 449 17.11 -8.79 38.82
C VAL B 449 17.88 -10.08 39.15
N ASP B 450 18.08 -10.38 40.42
CA ASP B 450 18.87 -11.56 40.85
C ASP B 450 18.17 -12.79 40.29
N THR B 451 16.83 -12.79 40.29
CA THR B 451 16.03 -13.98 39.93
C THR B 451 16.20 -14.24 38.44
N VAL B 452 16.02 -13.21 37.60
CA VAL B 452 15.99 -13.40 36.13
C VAL B 452 17.44 -13.54 35.66
N SER B 453 18.35 -12.84 36.32
CA SER B 453 19.81 -13.03 36.09
C SER B 453 20.12 -14.53 36.09
N ALA B 454 19.79 -15.25 37.17
CA ALA B 454 20.07 -16.70 37.32
C ALA B 454 19.22 -17.48 36.34
N LEU B 455 17.98 -17.05 36.13
CA LEU B 455 16.99 -17.84 35.36
C LEU B 455 17.32 -17.84 33.87
N VAL B 456 17.69 -16.70 33.28
CA VAL B 456 17.80 -16.60 31.79
C VAL B 456 19.05 -15.85 31.28
N TYR B 457 19.89 -15.28 32.15
CA TYR B 457 21.06 -14.45 31.74
C TYR B 457 22.38 -14.96 32.31
N ASP B 458 22.51 -16.25 32.67
CA ASP B 458 23.80 -16.80 33.18
C ASP B 458 24.46 -15.84 34.19
N ASN B 459 23.69 -15.27 35.12
CA ASN B 459 24.20 -14.51 36.27
C ASN B 459 25.01 -13.31 35.77
N LYS B 460 24.71 -12.82 34.57
CA LYS B 460 25.40 -11.65 33.98
C LYS B 460 24.55 -10.39 34.10
N LEU B 461 23.28 -10.47 34.52
CA LEU B 461 22.48 -9.24 34.64
C LEU B 461 22.75 -8.70 36.04
N LYS B 462 23.11 -7.42 36.14
CA LYS B 462 23.42 -6.74 37.44
C LYS B 462 22.30 -5.74 37.78
N ALA B 463 21.95 -5.64 39.07
CA ALA B 463 20.93 -4.71 39.59
C ALA B 463 21.55 -3.35 39.80
N HIS B 464 20.93 -2.30 39.28
CA HIS B 464 21.25 -0.89 39.63
C HIS B 464 20.51 -0.50 40.91
N LYS B 465 19.28 -0.95 41.10
CA LYS B 465 18.52 -0.66 42.34
C LYS B 465 19.00 -1.60 43.46
N ASP B 466 18.73 -1.22 44.71
CA ASP B 466 18.83 -2.13 45.87
C ASP B 466 17.60 -3.04 45.92
N LYS B 467 17.62 -4.04 46.80
CA LYS B 467 16.41 -4.80 47.17
C LYS B 467 15.34 -3.78 47.58
N SER B 468 14.10 -3.97 47.13
CA SER B 468 12.93 -3.14 47.51
C SER B 468 12.35 -3.66 48.83
N ALA B 469 12.59 -4.92 49.14
CA ALA B 469 11.92 -5.67 50.22
C ALA B 469 10.39 -5.61 50.01
N GLN B 470 9.94 -5.44 48.77
CA GLN B 470 8.49 -5.47 48.44
C GLN B 470 8.23 -6.53 47.37
N CYS B 471 8.99 -7.63 47.42
CA CYS B 471 8.92 -8.75 46.45
C CYS B 471 8.51 -10.02 47.22
N PHE B 472 7.29 -10.50 46.96
CA PHE B 472 6.66 -11.60 47.71
C PHE B 472 6.24 -12.72 46.76
N LYS B 473 6.26 -13.93 47.27
CA LYS B 473 5.85 -15.14 46.52
C LYS B 473 4.98 -16.00 47.45
N MET B 474 3.87 -16.49 46.92
N MET B 474 3.89 -16.51 46.89
CA MET B 474 3.03 -17.49 47.62
CA MET B 474 2.97 -17.46 47.58
C MET B 474 2.84 -18.70 46.72
C MET B 474 2.81 -18.70 46.71
N PHE B 475 2.93 -19.89 47.31
CA PHE B 475 2.66 -21.18 46.64
C PHE B 475 1.21 -21.54 46.91
N TYR B 476 0.36 -21.37 45.90
CA TYR B 476 -1.09 -21.61 45.96
C TYR B 476 -1.57 -22.08 44.58
N LYS B 477 -1.94 -23.36 44.50
CA LYS B 477 -2.43 -24.02 43.25
C LYS B 477 -3.90 -23.66 43.03
N GLY B 478 -4.67 -23.58 44.10
CA GLY B 478 -6.06 -23.11 44.04
C GLY B 478 -6.92 -24.05 43.24
N VAL B 479 -7.69 -23.53 42.28
CA VAL B 479 -8.66 -24.31 41.48
C VAL B 479 -8.61 -23.74 40.08
N ILE B 480 -8.34 -24.60 39.09
CA ILE B 480 -8.28 -24.19 37.67
C ILE B 480 -9.58 -24.59 36.99
N THR B 481 -10.27 -23.61 36.47
CA THR B 481 -11.43 -23.78 35.58
C THR B 481 -10.95 -23.39 34.19
N HIS B 482 -11.56 -23.97 33.16
CA HIS B 482 -11.22 -23.76 31.73
C HIS B 482 -12.45 -23.26 31.03
N ASP B 483 -12.33 -22.21 30.24
CA ASP B 483 -13.39 -21.86 29.27
C ASP B 483 -12.88 -22.32 27.90
N VAL B 484 -13.40 -21.74 26.81
CA VAL B 484 -13.21 -22.28 25.43
C VAL B 484 -11.73 -22.28 25.03
N SER B 485 -10.94 -21.28 25.44
CA SER B 485 -9.52 -21.10 24.96
C SER B 485 -8.64 -20.37 25.98
N SER B 486 -8.88 -20.55 27.29
CA SER B 486 -8.20 -19.80 28.38
C SER B 486 -8.42 -20.51 29.73
N ALA B 487 -7.67 -20.12 30.76
CA ALA B 487 -7.74 -20.68 32.14
C ALA B 487 -8.08 -19.59 33.14
N ILE B 488 -8.76 -19.97 34.23
CA ILE B 488 -9.17 -19.07 35.34
C ILE B 488 -8.80 -19.79 36.63
N ASN B 489 -8.31 -19.03 37.62
CA ASN B 489 -8.01 -19.52 38.98
C ASN B 489 -8.59 -18.50 39.97
N ARG B 490 -9.88 -18.65 40.29
CA ARG B 490 -10.61 -17.76 41.21
C ARG B 490 -9.94 -17.76 42.57
N PRO B 491 -9.57 -18.91 43.17
CA PRO B 491 -8.89 -18.88 44.45
C PRO B 491 -7.60 -18.02 44.46
N GLN B 492 -6.78 -18.03 43.40
CA GLN B 492 -5.57 -17.18 43.29
C GLN B 492 -6.00 -15.71 43.24
N ILE B 493 -7.12 -15.39 42.60
CA ILE B 493 -7.65 -14.00 42.64
C ILE B 493 -8.15 -13.73 44.06
N GLY B 494 -8.86 -14.67 44.67
CA GLY B 494 -9.31 -14.53 46.07
C GLY B 494 -8.13 -14.22 46.99
N VAL B 495 -7.01 -14.94 46.84
CA VAL B 495 -5.80 -14.73 47.68
C VAL B 495 -5.30 -13.29 47.50
N VAL B 496 -5.36 -12.75 46.28
CA VAL B 496 -4.92 -11.38 45.97
C VAL B 496 -5.89 -10.42 46.65
N ARG B 497 -7.19 -10.74 46.65
CA ARG B 497 -8.26 -9.88 47.26
C ARG B 497 -7.95 -9.73 48.74
N GLU B 498 -7.71 -10.84 49.45
CA GLU B 498 -7.34 -10.86 50.88
C GLU B 498 -6.02 -10.08 51.08
N PHE B 499 -5.02 -10.31 50.23
CA PHE B 499 -3.70 -9.61 50.32
C PHE B 499 -3.92 -8.10 50.22
N LEU B 500 -4.78 -7.64 49.32
CA LEU B 500 -5.04 -6.21 49.04
C LEU B 500 -5.77 -5.58 50.23
N THR B 501 -6.65 -6.32 50.92
CA THR B 501 -7.42 -5.78 52.07
C THR B 501 -6.43 -5.51 53.21
N ARG B 502 -5.37 -6.30 53.30
CA ARG B 502 -4.29 -6.12 54.30
C ARG B 502 -3.17 -5.20 53.79
N ASN B 503 -3.08 -4.90 52.49
CA ASN B 503 -1.92 -4.20 51.86
C ASN B 503 -2.45 -3.23 50.83
N PRO B 504 -3.36 -2.32 51.24
CA PRO B 504 -3.99 -1.38 50.31
C PRO B 504 -3.06 -0.49 49.48
N ALA B 505 -1.80 -0.29 49.86
CA ALA B 505 -0.83 0.46 49.00
C ALA B 505 -0.81 -0.18 47.62
N TRP B 506 -1.03 -1.51 47.56
CA TRP B 506 -0.95 -2.35 46.34
C TRP B 506 -2.17 -2.19 45.43
N ARG B 507 -3.12 -1.34 45.80
CA ARG B 507 -4.32 -1.02 45.01
C ARG B 507 -3.86 -0.22 43.78
N LYS B 508 -2.67 0.36 43.76
CA LYS B 508 -2.15 1.05 42.56
C LYS B 508 -1.52 0.03 41.58
N ALA B 509 -1.31 -1.23 42.00
CA ALA B 509 -0.64 -2.30 41.23
C ALA B 509 -1.37 -2.66 39.93
N VAL B 510 -0.61 -3.18 38.96
CA VAL B 510 -1.13 -3.76 37.70
C VAL B 510 -1.25 -5.26 37.92
N PHE B 511 -2.34 -5.86 37.43
CA PHE B 511 -2.57 -7.32 37.55
C PHE B 511 -2.10 -7.98 36.26
N ILE B 512 -1.27 -9.00 36.39
CA ILE B 512 -0.70 -9.72 35.22
C ILE B 512 -0.93 -11.21 35.45
N SER B 513 -1.27 -11.92 34.38
CA SER B 513 -1.42 -13.39 34.36
C SER B 513 -1.18 -13.88 32.95
N PRO B 514 -0.91 -15.19 32.76
CA PRO B 514 -0.71 -15.75 31.44
C PRO B 514 -1.97 -16.00 30.63
N TYR B 515 -3.16 -15.61 31.12
CA TYR B 515 -4.46 -15.86 30.46
C TYR B 515 -5.38 -14.65 30.55
N ASN B 516 -5.96 -14.23 29.43
CA ASN B 516 -6.92 -13.08 29.36
C ASN B 516 -8.24 -13.42 30.07
N SER B 517 -8.64 -14.68 30.22
CA SER B 517 -9.85 -15.01 31.02
C SER B 517 -9.56 -14.74 32.49
N GLN B 518 -8.45 -15.25 33.03
CA GLN B 518 -8.02 -14.94 34.42
C GLN B 518 -8.08 -13.43 34.62
N ASN B 519 -7.48 -12.67 33.70
CA ASN B 519 -7.44 -11.18 33.74
C ASN B 519 -8.85 -10.60 33.84
N ALA B 520 -9.83 -11.11 33.07
CA ALA B 520 -11.20 -10.56 32.94
C ALA B 520 -11.92 -10.71 34.28
N VAL B 521 -11.75 -11.88 34.89
CA VAL B 521 -12.29 -12.20 36.25
C VAL B 521 -11.64 -11.26 37.26
N ALA B 522 -10.31 -11.14 37.25
CA ALA B 522 -9.51 -10.30 38.18
C ALA B 522 -9.94 -8.83 38.09
N SER B 523 -10.20 -8.34 36.88
CA SER B 523 -10.63 -6.95 36.64
C SER B 523 -11.95 -6.66 37.38
N LYS B 524 -12.91 -7.57 37.30
CA LYS B 524 -14.21 -7.46 37.99
C LYS B 524 -13.98 -7.54 39.51
N ILE B 525 -13.23 -8.53 40.03
CA ILE B 525 -13.10 -8.81 41.50
C ILE B 525 -12.15 -7.81 42.17
N LEU B 526 -11.07 -7.40 41.52
CA LEU B 526 -10.02 -6.56 42.14
C LEU B 526 -10.14 -5.12 41.64
N GLY B 527 -10.60 -4.92 40.41
CA GLY B 527 -10.57 -3.59 39.79
C GLY B 527 -9.16 -3.04 39.58
N LEU B 528 -8.12 -3.86 39.58
CA LEU B 528 -6.77 -3.45 39.10
C LEU B 528 -6.75 -3.42 37.58
N PRO B 529 -5.96 -2.53 36.94
CA PRO B 529 -5.67 -2.66 35.51
C PRO B 529 -5.03 -4.03 35.27
N THR B 530 -5.32 -4.64 34.12
CA THR B 530 -4.80 -5.99 33.75
C THR B 530 -4.01 -5.91 32.44
N GLN B 531 -3.10 -6.87 32.30
CA GLN B 531 -2.23 -7.14 31.13
C GLN B 531 -2.00 -8.65 31.09
N THR B 532 -1.98 -9.25 29.91
CA THR B 532 -1.36 -10.59 29.76
C THR B 532 0.14 -10.33 29.78
N VAL B 533 0.93 -11.33 30.12
CA VAL B 533 2.41 -11.23 30.07
C VAL B 533 2.80 -10.74 28.68
N ASP B 534 2.15 -11.32 27.66
CA ASP B 534 2.44 -11.08 26.22
C ASP B 534 2.11 -9.61 25.89
N SER B 535 1.14 -8.97 26.57
CA SER B 535 0.77 -7.55 26.29
C SER B 535 1.48 -6.57 27.22
N SER B 536 2.20 -7.06 28.24
CA SER B 536 2.97 -6.24 29.21
C SER B 536 4.39 -5.95 28.68
N GLN B 537 4.94 -6.82 27.81
CA GLN B 537 6.31 -6.71 27.22
C GLN B 537 6.51 -5.27 26.71
N GLY B 538 7.57 -4.61 27.17
CA GLY B 538 7.88 -3.21 26.81
C GLY B 538 7.29 -2.16 27.75
N SER B 539 6.41 -2.53 28.69
CA SER B 539 5.84 -1.61 29.72
C SER B 539 6.49 -1.83 31.07
N GLU B 540 6.42 -0.82 31.93
CA GLU B 540 6.85 -0.97 33.34
C GLU B 540 5.80 -0.37 34.24
N TYR B 541 5.69 -0.92 35.44
CA TYR B 541 4.72 -0.50 36.47
C TYR B 541 5.45 -0.55 37.83
N ASP B 542 5.10 0.35 38.77
CA ASP B 542 5.67 0.38 40.15
C ASP B 542 5.42 -0.98 40.81
N TYR B 543 4.18 -1.45 40.73
CA TYR B 543 3.71 -2.65 41.46
C TYR B 543 2.98 -3.56 40.50
N VAL B 544 3.23 -4.84 40.65
CA VAL B 544 2.74 -5.89 39.73
C VAL B 544 2.22 -6.99 40.63
N ILE B 545 0.98 -7.41 40.41
CA ILE B 545 0.48 -8.64 41.08
C ILE B 545 0.27 -9.67 39.99
N PHE B 546 1.01 -10.77 40.09
CA PHE B 546 1.01 -11.87 39.09
C PHE B 546 0.39 -13.09 39.74
N THR B 547 -0.64 -13.64 39.08
CA THR B 547 -1.17 -14.99 39.36
C THR B 547 -0.78 -15.93 38.20
N GLN B 548 0.04 -16.94 38.48
CA GLN B 548 0.45 -17.92 37.45
C GLN B 548 -0.77 -18.62 36.83
N THR B 549 -1.84 -18.87 37.60
CA THR B 549 -3.13 -19.44 37.13
C THR B 549 -3.04 -20.97 36.97
N THR B 550 -2.11 -21.47 36.14
CA THR B 550 -1.87 -22.93 35.90
C THR B 550 -0.39 -23.25 36.07
N GLU B 551 -0.01 -24.53 35.98
CA GLU B 551 1.43 -24.96 35.82
C GLU B 551 1.63 -25.70 34.50
N THR B 552 1.00 -25.21 33.43
CA THR B 552 1.19 -25.65 32.03
C THR B 552 2.56 -25.20 31.50
N ALA B 553 2.95 -25.68 30.32
CA ALA B 553 4.12 -25.19 29.57
C ALA B 553 3.95 -23.69 29.28
N HIS B 554 2.74 -23.25 28.95
CA HIS B 554 2.45 -21.82 28.68
C HIS B 554 2.78 -20.95 29.89
N SER B 555 2.36 -21.36 31.08
CA SER B 555 2.44 -20.49 32.27
C SER B 555 3.82 -20.67 32.94
N CYS B 556 4.59 -21.70 32.58
CA CYS B 556 5.94 -21.98 33.13
C CYS B 556 7.04 -21.59 32.14
N ASN B 557 6.69 -21.14 30.94
CA ASN B 557 7.70 -20.74 29.94
C ASN B 557 8.56 -19.65 30.59
N VAL B 558 9.87 -19.91 30.67
CA VAL B 558 10.81 -19.06 31.43
C VAL B 558 10.88 -17.69 30.74
N ASN B 559 10.71 -17.61 29.44
CA ASN B 559 10.72 -16.28 28.77
C ASN B 559 9.51 -15.46 29.21
N ARG B 560 8.37 -16.12 29.42
CA ARG B 560 7.10 -15.44 29.75
C ARG B 560 7.26 -14.96 31.19
N PHE B 561 7.81 -15.84 32.03
CA PHE B 561 7.99 -15.58 33.46
C PHE B 561 8.94 -14.40 33.62
N ASN B 562 10.07 -14.45 32.90
CA ASN B 562 11.07 -13.37 32.79
C ASN B 562 10.35 -12.05 32.50
N VAL B 563 9.53 -11.96 31.45
CA VAL B 563 8.81 -10.71 31.09
C VAL B 563 7.85 -10.33 32.22
N ALA B 564 7.19 -11.30 32.86
CA ALA B 564 6.10 -11.00 33.82
C ALA B 564 6.70 -10.20 34.98
N ILE B 565 7.73 -10.76 35.61
CA ILE B 565 8.26 -10.28 36.91
C ILE B 565 9.17 -9.05 36.68
N THR B 566 9.66 -8.79 35.46
CA THR B 566 10.57 -7.67 35.14
C THR B 566 9.76 -6.43 34.73
N ARG B 567 8.43 -6.47 34.89
CA ARG B 567 7.59 -5.28 34.58
C ARG B 567 7.59 -4.34 35.80
N ALA B 568 8.07 -4.82 36.95
CA ALA B 568 7.98 -4.15 38.27
C ALA B 568 9.18 -3.22 38.49
N LYS B 569 8.92 -1.97 38.87
CA LYS B 569 9.97 -1.01 39.31
C LYS B 569 10.19 -1.12 40.83
N VAL B 570 9.16 -1.40 41.61
CA VAL B 570 9.23 -1.28 43.09
C VAL B 570 8.93 -2.63 43.73
N GLY B 571 7.71 -3.14 43.56
CA GLY B 571 7.28 -4.36 44.25
C GLY B 571 6.49 -5.29 43.35
N ILE B 572 6.51 -6.57 43.66
CA ILE B 572 5.74 -7.62 42.93
C ILE B 572 5.23 -8.62 43.97
N LEU B 573 4.01 -9.10 43.74
CA LEU B 573 3.44 -10.29 44.41
C LEU B 573 3.27 -11.36 43.33
N CYS B 574 3.86 -12.54 43.52
CA CYS B 574 3.66 -13.69 42.63
C CYS B 574 2.89 -14.76 43.40
N ILE B 575 1.63 -15.00 43.00
CA ILE B 575 0.88 -16.22 43.43
C ILE B 575 1.21 -17.32 42.42
N MET B 576 2.02 -18.31 42.83
CA MET B 576 2.60 -19.34 41.95
C MET B 576 1.82 -20.66 42.08
N SER B 577 1.81 -21.41 40.98
CA SER B 577 1.23 -22.75 40.80
C SER B 577 2.38 -23.77 40.71
N ASP B 578 3.48 -23.36 40.09
CA ASP B 578 4.65 -24.19 39.73
C ASP B 578 5.68 -24.13 40.87
N ARG B 579 6.05 -25.29 41.43
CA ARG B 579 7.02 -25.41 42.53
C ARG B 579 8.42 -25.00 42.07
N ASP B 580 8.74 -25.27 40.79
CA ASP B 580 10.06 -24.97 40.18
C ASP B 580 10.28 -23.46 40.20
N LEU B 581 9.46 -22.68 39.50
CA LEU B 581 9.61 -21.21 39.41
C LEU B 581 9.39 -20.60 40.80
N TYR B 582 8.45 -21.07 41.61
CA TYR B 582 8.29 -20.53 42.97
C TYR B 582 9.63 -20.57 43.67
N ASP B 583 10.30 -21.73 43.64
CA ASP B 583 11.57 -21.99 44.36
C ASP B 583 12.69 -21.13 43.78
N LYS B 584 12.58 -20.71 42.51
CA LYS B 584 13.63 -19.91 41.80
C LYS B 584 13.41 -18.42 42.05
N LEU B 585 12.21 -18.00 42.44
CA LEU B 585 11.93 -16.61 42.85
C LEU B 585 12.68 -16.32 44.14
N GLN B 586 13.61 -15.36 44.09
CA GLN B 586 14.41 -14.87 45.25
C GLN B 586 13.61 -13.75 45.90
N PHE B 587 12.44 -14.10 46.42
CA PHE B 587 11.42 -13.18 46.98
C PHE B 587 11.14 -13.67 48.39
N THR B 588 10.55 -12.78 49.20
CA THR B 588 10.04 -13.12 50.56
C THR B 588 8.78 -13.98 50.39
N SER B 589 8.79 -15.19 50.95
CA SER B 589 7.65 -16.12 50.90
C SER B 589 6.59 -15.69 51.91
N LEU B 590 5.31 -15.84 51.55
CA LEU B 590 4.14 -15.51 52.42
C LEU B 590 3.35 -16.81 52.66
N GLU B 591 2.84 -17.01 53.88
CA GLU B 591 1.90 -18.10 54.24
C GLU B 591 0.53 -17.75 53.64
N ILE B 592 -0.33 -18.75 53.42
CA ILE B 592 -1.69 -18.64 52.81
C ILE B 592 -2.72 -18.34 53.90
N PRO B 593 -3.44 -17.20 53.86
CA PRO B 593 -4.56 -16.96 54.78
C PRO B 593 -5.80 -17.80 54.43
C4 NX7 C . -2.68 7.92 -37.80
C5 NX7 C . -3.74 8.07 -38.68
C6 NX7 C . -4.45 9.38 -38.83
C7 NX7 C . -5.72 11.18 -37.69
C8 NX7 C . -6.45 11.17 -36.37
C10 NX7 C . -5.84 8.92 -36.80
N NX7 C . -5.26 9.79 -37.84
C NX7 C . -4.08 6.95 -39.44
O NX7 C . -4.26 10.08 -39.83
C1 NX7 C . -3.41 5.74 -39.33
C2 NX7 C . -2.38 5.64 -38.43
C3 NX7 C . -1.99 6.73 -37.66
C9 NX7 C . -6.97 9.77 -36.27
F NX7 C . -5.09 7.03 -40.33
F1 NX7 C . -2.28 8.97 -37.04
ZN ZN D . 22.63 41.54 7.57
ZN ZN E . 12.10 28.93 -7.05
ZN ZN F . 21.67 22.96 -13.19
P PO4 G . -13.71 0.05 -27.69
O1 PO4 G . -12.74 0.76 -28.61
O2 PO4 G . -14.71 1.03 -27.14
O3 PO4 G . -14.38 -1.03 -28.54
O4 PO4 G . -12.99 -0.64 -26.53
P PO4 H . -14.88 4.73 -25.70
O1 PO4 H . -16.14 4.66 -26.52
O2 PO4 H . -13.73 4.99 -26.66
O3 PO4 H . -15.02 5.92 -24.72
O4 PO4 H . -14.61 3.43 -24.94
ZN ZN I . 5.76 -29.96 -3.35
ZN ZN J . 17.20 -28.24 -8.07
ZN ZN K . -5.97 -38.60 -19.65
P PO4 L . 14.82 -0.67 27.77
O1 PO4 L . 14.47 0.11 26.48
O2 PO4 L . 13.64 -1.47 28.31
O3 PO4 L . 15.30 0.33 28.82
O4 PO4 L . 15.95 -1.64 27.49
P PO4 M . 11.75 -4.49 28.07
O1 PO4 M . 11.58 -3.02 27.75
O2 PO4 M . 10.70 -5.30 27.36
O3 PO4 M . 11.61 -4.72 29.57
O4 PO4 M . 13.07 -4.97 27.60
#